data_8YTH
# 
_entry.id   8YTH 
# 
_audit_conform.dict_name       mmcif_pdbx.dic 
_audit_conform.dict_version    5.399 
_audit_conform.dict_location   http://mmcif.pdb.org/dictionaries/ascii/mmcif_pdbx.dic 
# 
loop_
_database_2.database_id 
_database_2.database_code 
_database_2.pdbx_database_accession 
_database_2.pdbx_DOI 
PDB   8YTH         pdb_00008yth 10.2210/pdb8yth/pdb 
WWPDB D_1300046358 ?            ?                   
# 
loop_
_pdbx_audit_revision_history.ordinal 
_pdbx_audit_revision_history.data_content_type 
_pdbx_audit_revision_history.major_revision 
_pdbx_audit_revision_history.minor_revision 
_pdbx_audit_revision_history.revision_date 
1 'Structure model' 1 0 2024-11-20 
2 'Structure model' 1 1 2024-12-18 
# 
_pdbx_audit_revision_details.ordinal             1 
_pdbx_audit_revision_details.revision_ordinal    1 
_pdbx_audit_revision_details.data_content_type   'Structure model' 
_pdbx_audit_revision_details.provider            repository 
_pdbx_audit_revision_details.type                'Initial release' 
_pdbx_audit_revision_details.description         ? 
_pdbx_audit_revision_details.details             ? 
# 
_pdbx_audit_revision_group.ordinal             1 
_pdbx_audit_revision_group.revision_ordinal    2 
_pdbx_audit_revision_group.data_content_type   'Structure model' 
_pdbx_audit_revision_group.group               'Database references' 
# 
loop_
_pdbx_audit_revision_category.ordinal 
_pdbx_audit_revision_category.revision_ordinal 
_pdbx_audit_revision_category.data_content_type 
_pdbx_audit_revision_category.category 
1 2 'Structure model' citation        
2 2 'Structure model' citation_author 
# 
loop_
_pdbx_audit_revision_item.ordinal 
_pdbx_audit_revision_item.revision_ordinal 
_pdbx_audit_revision_item.data_content_type 
_pdbx_audit_revision_item.item 
1  2 'Structure model' '_citation.country'                 
2  2 'Structure model' '_citation.journal_abbrev'          
3  2 'Structure model' '_citation.journal_id_CSD'          
4  2 'Structure model' '_citation.journal_id_ISSN'         
5  2 'Structure model' '_citation.journal_volume'          
6  2 'Structure model' '_citation.page_first'              
7  2 'Structure model' '_citation.page_last'               
8  2 'Structure model' '_citation.pdbx_database_id_DOI'    
9  2 'Structure model' '_citation.pdbx_database_id_PubMed' 
10 2 'Structure model' '_citation.title'                   
11 2 'Structure model' '_citation.year'                    
# 
_pdbx_database_status.status_code                     REL 
_pdbx_database_status.status_code_sf                  REL 
_pdbx_database_status.status_code_mr                  ? 
_pdbx_database_status.entry_id                        8YTH 
_pdbx_database_status.recvd_initial_deposition_date   2024-03-25 
_pdbx_database_status.SG_entry                        N 
_pdbx_database_status.deposit_site                    PDBJ 
_pdbx_database_status.process_site                    PDBC 
_pdbx_database_status.status_code_cs                  ? 
_pdbx_database_status.status_code_nmr_data            ? 
_pdbx_database_status.methods_development_category    ? 
_pdbx_database_status.pdb_format_compatible           Y 
# 
_pdbx_contact_author.id                 3 
_pdbx_contact_author.email              jpding@sibcb.ac.cn 
_pdbx_contact_author.name_first         Jianping 
_pdbx_contact_author.name_last          Ding 
_pdbx_contact_author.name_mi            ? 
_pdbx_contact_author.role               'principal investigator/group leader' 
_pdbx_contact_author.identifier_ORCID   0000-0001-7029-7346 
# 
loop_
_audit_author.name 
_audit_author.pdbx_ordinal 
_audit_author.identifier_ORCID 
'Wang, G.C.' 1 0009-0001-9825-3617 
'Ding, J.P.' 2 0000-0001-7029-7346 
# 
_citation.abstract                  ? 
_citation.abstract_id_CAS           ? 
_citation.book_id_ISBN              ? 
_citation.book_publisher            ? 
_citation.book_publisher_city       ? 
_citation.book_title                ? 
_citation.coordinate_linkage        ? 
_citation.country                   UK 
_citation.database_id_Medline       ? 
_citation.details                   ? 
_citation.id                        primary 
_citation.journal_abbrev            'Nat Commun' 
_citation.journal_id_ASTM           ? 
_citation.journal_id_CSD            ? 
_citation.journal_id_ISSN           2041-1723 
_citation.journal_full              ? 
_citation.journal_issue             ? 
_citation.journal_volume            15 
_citation.language                  ? 
_citation.page_first                10425 
_citation.page_last                 10425 
_citation.title                     
'IRF2BP2 binds to a conserved RxSVI motif of protein partners and regulates megakaryocytic differentiation.' 
_citation.year                      2024 
_citation.database_id_CSD           ? 
_citation.pdbx_database_id_DOI      10.1038/s41467-024-54889-5 
_citation.pdbx_database_id_PubMed   39616187 
_citation.pdbx_database_id_patent   ? 
_citation.unpublished_flag          ? 
# 
loop_
_citation_author.citation_id 
_citation_author.name 
_citation_author.ordinal 
_citation_author.identifier_ORCID 
primary 'Wang, G.'  1 0009-0001-9825-3617 
primary 'Lu, T.'    2 ?                   
primary 'Zhang, L.' 3 ?                   
primary 'Ding, J.'  4 0000-0001-7029-7346 
# 
loop_
_entity.id 
_entity.type 
_entity.src_method 
_entity.pdbx_description 
_entity.formula_weight 
_entity.pdbx_number_of_molecules 
_entity.pdbx_ec 
_entity.pdbx_mutation 
_entity.pdbx_fragment 
_entity.details 
1 polymer     man 'Interferon regulatory factor 2-binding protein 2' 8867.110 1 ? ? 'RING domain' ? 
2 polymer     syn 'Zinc finger and BTB domain-containing protein 16' 820.913  1 ? ? ?             ? 
3 non-polymer syn 'ZINC ION'                                         65.409   3 ? ? ?             ? 
4 water       nat water                                              18.015   1 ? ? ?             ? 
# 
loop_
_entity_name_com.entity_id 
_entity_name_com.name 
1 'IRF-2-binding protein 2,IRF-2BP2'                                                            
2 'Promyelocytic leukemia zinc finger protein,Zinc finger protein 145,Zinc finger protein PLZF' 
# 
loop_
_entity_poly.entity_id 
_entity_poly.type 
_entity_poly.nstd_linkage 
_entity_poly.nstd_monomer 
_entity_poly.pdbx_seq_one_letter_code 
_entity_poly.pdbx_seq_one_letter_code_can 
_entity_poly.pdbx_strand_id 
_entity_poly.pdbx_target_identifier 
1 'polypeptide(L)' no no 
;GSLATSAPLCCTLCHERLEDTHFVQCPSVPSHKFCFPCSRQSIKQQGASGEVYCPSGEKCPLVGSNVPWAFMQGEIATIL
AGD
;
;GSLATSAPLCCTLCHERLEDTHFVQCPSVPSHKFCFPCSRQSIKQQGASGEVYCPSGEKCPLVGSNVPWAFMQGEIATIL
AGD
;
A ? 
2 'polypeptide(L)' no no RSSVITSA                                                                               RSSVITSA B ? 
# 
loop_
_pdbx_entity_nonpoly.entity_id 
_pdbx_entity_nonpoly.name 
_pdbx_entity_nonpoly.comp_id 
3 'ZINC ION' ZN  
4 water      HOH 
# 
loop_
_entity_poly_seq.entity_id 
_entity_poly_seq.num 
_entity_poly_seq.mon_id 
_entity_poly_seq.hetero 
1 1  GLY n 
1 2  SER n 
1 3  LEU n 
1 4  ALA n 
1 5  THR n 
1 6  SER n 
1 7  ALA n 
1 8  PRO n 
1 9  LEU n 
1 10 CYS n 
1 11 CYS n 
1 12 THR n 
1 13 LEU n 
1 14 CYS n 
1 15 HIS n 
1 16 GLU n 
1 17 ARG n 
1 18 LEU n 
1 19 GLU n 
1 20 ASP n 
1 21 THR n 
1 22 HIS n 
1 23 PHE n 
1 24 VAL n 
1 25 GLN n 
1 26 CYS n 
1 27 PRO n 
1 28 SER n 
1 29 VAL n 
1 30 PRO n 
1 31 SER n 
1 32 HIS n 
1 33 LYS n 
1 34 PHE n 
1 35 CYS n 
1 36 PHE n 
1 37 PRO n 
1 38 CYS n 
1 39 SER n 
1 40 ARG n 
1 41 GLN n 
1 42 SER n 
1 43 ILE n 
1 44 LYS n 
1 45 GLN n 
1 46 GLN n 
1 47 GLY n 
1 48 ALA n 
1 49 SER n 
1 50 GLY n 
1 51 GLU n 
1 52 VAL n 
1 53 TYR n 
1 54 CYS n 
1 55 PRO n 
1 56 SER n 
1 57 GLY n 
1 58 GLU n 
1 59 LYS n 
1 60 CYS n 
1 61 PRO n 
1 62 LEU n 
1 63 VAL n 
1 64 GLY n 
1 65 SER n 
1 66 ASN n 
1 67 VAL n 
1 68 PRO n 
1 69 TRP n 
1 70 ALA n 
1 71 PHE n 
1 72 MET n 
1 73 GLN n 
1 74 GLY n 
1 75 GLU n 
1 76 ILE n 
1 77 ALA n 
1 78 THR n 
1 79 ILE n 
1 80 LEU n 
1 81 ALA n 
1 82 GLY n 
1 83 ASP n 
2 1  ARG n 
2 2  SER n 
2 3  SER n 
2 4  VAL n 
2 5  ILE n 
2 6  THR n 
2 7  SER n 
2 8  ALA n 
# 
_entity_src_gen.entity_id                          1 
_entity_src_gen.pdbx_src_id                        1 
_entity_src_gen.pdbx_alt_source_flag               sample 
_entity_src_gen.pdbx_seq_type                      'Biological sequence' 
_entity_src_gen.pdbx_beg_seq_num                   1 
_entity_src_gen.pdbx_end_seq_num                   83 
_entity_src_gen.gene_src_common_name               human 
_entity_src_gen.gene_src_genus                     ? 
_entity_src_gen.pdbx_gene_src_gene                 IRF2BP2 
_entity_src_gen.gene_src_species                   ? 
_entity_src_gen.gene_src_strain                    ? 
_entity_src_gen.gene_src_tissue                    ? 
_entity_src_gen.gene_src_tissue_fraction           ? 
_entity_src_gen.gene_src_details                   ? 
_entity_src_gen.pdbx_gene_src_fragment             ? 
_entity_src_gen.pdbx_gene_src_scientific_name      'Homo sapiens' 
_entity_src_gen.pdbx_gene_src_ncbi_taxonomy_id     9606 
_entity_src_gen.pdbx_gene_src_variant              ? 
_entity_src_gen.pdbx_gene_src_cell_line            ? 
_entity_src_gen.pdbx_gene_src_atcc                 ? 
_entity_src_gen.pdbx_gene_src_organ                ? 
_entity_src_gen.pdbx_gene_src_organelle            ? 
_entity_src_gen.pdbx_gene_src_cell                 ? 
_entity_src_gen.pdbx_gene_src_cellular_location    ? 
_entity_src_gen.host_org_common_name               ? 
_entity_src_gen.pdbx_host_org_scientific_name      'Escherichia coli' 
_entity_src_gen.pdbx_host_org_ncbi_taxonomy_id     562 
_entity_src_gen.host_org_genus                     ? 
_entity_src_gen.pdbx_host_org_gene                 ? 
_entity_src_gen.pdbx_host_org_organ                ? 
_entity_src_gen.host_org_species                   ? 
_entity_src_gen.pdbx_host_org_tissue               ? 
_entity_src_gen.pdbx_host_org_tissue_fraction      ? 
_entity_src_gen.pdbx_host_org_strain               ? 
_entity_src_gen.pdbx_host_org_variant              ? 
_entity_src_gen.pdbx_host_org_cell_line            ? 
_entity_src_gen.pdbx_host_org_atcc                 ? 
_entity_src_gen.pdbx_host_org_culture_collection   ? 
_entity_src_gen.pdbx_host_org_cell                 ? 
_entity_src_gen.pdbx_host_org_organelle            ? 
_entity_src_gen.pdbx_host_org_cellular_location    ? 
_entity_src_gen.pdbx_host_org_vector_type          ? 
_entity_src_gen.pdbx_host_org_vector               ? 
_entity_src_gen.host_org_details                   ? 
_entity_src_gen.expression_system_id               ? 
_entity_src_gen.plasmid_name                       ? 
_entity_src_gen.plasmid_details                    ? 
_entity_src_gen.pdbx_description                   ? 
# 
_pdbx_entity_src_syn.entity_id              2 
_pdbx_entity_src_syn.pdbx_src_id            1 
_pdbx_entity_src_syn.pdbx_alt_source_flag   sample 
_pdbx_entity_src_syn.pdbx_beg_seq_num       1 
_pdbx_entity_src_syn.pdbx_end_seq_num       8 
_pdbx_entity_src_syn.organism_scientific    'Homo sapiens' 
_pdbx_entity_src_syn.organism_common_name   Human 
_pdbx_entity_src_syn.ncbi_taxonomy_id       9606 
_pdbx_entity_src_syn.details                ? 
# 
loop_
_chem_comp.id 
_chem_comp.type 
_chem_comp.mon_nstd_flag 
_chem_comp.name 
_chem_comp.pdbx_synonyms 
_chem_comp.formula 
_chem_comp.formula_weight 
ALA 'L-peptide linking' y ALANINE         ? 'C3 H7 N O2'     89.093  
ARG 'L-peptide linking' y ARGININE        ? 'C6 H15 N4 O2 1' 175.209 
ASN 'L-peptide linking' y ASPARAGINE      ? 'C4 H8 N2 O3'    132.118 
ASP 'L-peptide linking' y 'ASPARTIC ACID' ? 'C4 H7 N O4'     133.103 
CYS 'L-peptide linking' y CYSTEINE        ? 'C3 H7 N O2 S'   121.158 
GLN 'L-peptide linking' y GLUTAMINE       ? 'C5 H10 N2 O3'   146.144 
GLU 'L-peptide linking' y 'GLUTAMIC ACID' ? 'C5 H9 N O4'     147.129 
GLY 'peptide linking'   y GLYCINE         ? 'C2 H5 N O2'     75.067  
HIS 'L-peptide linking' y HISTIDINE       ? 'C6 H10 N3 O2 1' 156.162 
HOH non-polymer         . WATER           ? 'H2 O'           18.015  
ILE 'L-peptide linking' y ISOLEUCINE      ? 'C6 H13 N O2'    131.173 
LEU 'L-peptide linking' y LEUCINE         ? 'C6 H13 N O2'    131.173 
LYS 'L-peptide linking' y LYSINE          ? 'C6 H15 N2 O2 1' 147.195 
MET 'L-peptide linking' y METHIONINE      ? 'C5 H11 N O2 S'  149.211 
PHE 'L-peptide linking' y PHENYLALANINE   ? 'C9 H11 N O2'    165.189 
PRO 'L-peptide linking' y PROLINE         ? 'C5 H9 N O2'     115.130 
SER 'L-peptide linking' y SERINE          ? 'C3 H7 N O3'     105.093 
THR 'L-peptide linking' y THREONINE       ? 'C4 H9 N O3'     119.119 
TRP 'L-peptide linking' y TRYPTOPHAN      ? 'C11 H12 N2 O2'  204.225 
TYR 'L-peptide linking' y TYROSINE        ? 'C9 H11 N O3'    181.189 
VAL 'L-peptide linking' y VALINE          ? 'C5 H11 N O2'    117.146 
ZN  non-polymer         . 'ZINC ION'      ? 'Zn 2'           65.409  
# 
loop_
_pdbx_poly_seq_scheme.asym_id 
_pdbx_poly_seq_scheme.entity_id 
_pdbx_poly_seq_scheme.seq_id 
_pdbx_poly_seq_scheme.mon_id 
_pdbx_poly_seq_scheme.ndb_seq_num 
_pdbx_poly_seq_scheme.pdb_seq_num 
_pdbx_poly_seq_scheme.auth_seq_num 
_pdbx_poly_seq_scheme.pdb_mon_id 
_pdbx_poly_seq_scheme.auth_mon_id 
_pdbx_poly_seq_scheme.pdb_strand_id 
_pdbx_poly_seq_scheme.pdb_ins_code 
_pdbx_poly_seq_scheme.hetero 
A 1 1  GLY 1  496 ?   ?   ?   A . n 
A 1 2  SER 2  497 ?   ?   ?   A . n 
A 1 3  LEU 3  498 ?   ?   ?   A . n 
A 1 4  ALA 4  499 ?   ?   ?   A . n 
A 1 5  THR 5  500 ?   ?   ?   A . n 
A 1 6  SER 6  501 ?   ?   ?   A . n 
A 1 7  ALA 7  502 ?   ?   ?   A . n 
A 1 8  PRO 8  503 503 PRO PRO A . n 
A 1 9  LEU 9  504 504 LEU LEU A . n 
A 1 10 CYS 10 505 505 CYS CYS A . n 
A 1 11 CYS 11 506 506 CYS CYS A . n 
A 1 12 THR 12 507 507 THR THR A . n 
A 1 13 LEU 13 508 508 LEU LEU A . n 
A 1 14 CYS 14 509 509 CYS CYS A . n 
A 1 15 HIS 15 510 510 HIS HIS A . n 
A 1 16 GLU 16 511 511 GLU GLU A . n 
A 1 17 ARG 17 512 512 ARG ARG A . n 
A 1 18 LEU 18 513 513 LEU LEU A . n 
A 1 19 GLU 19 514 514 GLU GLU A . n 
A 1 20 ASP 20 515 515 ASP ASP A . n 
A 1 21 THR 21 516 516 THR THR A . n 
A 1 22 HIS 22 517 517 HIS HIS A . n 
A 1 23 PHE 23 518 518 PHE PHE A . n 
A 1 24 VAL 24 519 519 VAL VAL A . n 
A 1 25 GLN 25 520 520 GLN GLN A . n 
A 1 26 CYS 26 521 521 CYS CYS A . n 
A 1 27 PRO 27 522 522 PRO PRO A . n 
A 1 28 SER 28 523 523 SER SER A . n 
A 1 29 VAL 29 524 524 VAL VAL A . n 
A 1 30 PRO 30 525 525 PRO PRO A . n 
A 1 31 SER 31 526 526 SER SER A . n 
A 1 32 HIS 32 527 527 HIS HIS A . n 
A 1 33 LYS 33 528 528 LYS LYS A . n 
A 1 34 PHE 34 529 529 PHE PHE A . n 
A 1 35 CYS 35 530 530 CYS CYS A . n 
A 1 36 PHE 36 531 531 PHE PHE A . n 
A 1 37 PRO 37 532 532 PRO PRO A . n 
A 1 38 CYS 38 533 533 CYS CYS A . n 
A 1 39 SER 39 534 534 SER SER A . n 
A 1 40 ARG 40 535 535 ARG ARG A . n 
A 1 41 GLN 41 536 536 GLN GLN A . n 
A 1 42 SER 42 537 537 SER SER A . n 
A 1 43 ILE 43 538 538 ILE ILE A . n 
A 1 44 LYS 44 539 539 LYS LYS A . n 
A 1 45 GLN 45 540 540 GLN GLN A . n 
A 1 46 GLN 46 541 541 GLN GLN A . n 
A 1 47 GLY 47 542 542 GLY GLY A . n 
A 1 48 ALA 48 543 ?   ?   ?   A . n 
A 1 49 SER 49 544 ?   ?   ?   A . n 
A 1 50 GLY 50 545 ?   ?   ?   A . n 
A 1 51 GLU 51 546 ?   ?   ?   A . n 
A 1 52 VAL 52 547 547 VAL VAL A . n 
A 1 53 TYR 53 548 548 TYR TYR A . n 
A 1 54 CYS 54 549 549 CYS CYS A . n 
A 1 55 PRO 55 550 550 PRO PRO A . n 
A 1 56 SER 56 551 551 SER SER A . n 
A 1 57 GLY 57 552 552 GLY GLY A . n 
A 1 58 GLU 58 553 553 GLU GLU A . n 
A 1 59 LYS 59 554 554 LYS LYS A . n 
A 1 60 CYS 60 555 555 CYS CYS A . n 
A 1 61 PRO 61 556 556 PRO PRO A . n 
A 1 62 LEU 62 557 557 LEU LEU A . n 
A 1 63 VAL 63 558 558 VAL VAL A . n 
A 1 64 GLY 64 559 ?   ?   ?   A . n 
A 1 65 SER 65 560 560 SER SER A . n 
A 1 66 ASN 66 561 561 ASN ASN A . n 
A 1 67 VAL 67 562 562 VAL VAL A . n 
A 1 68 PRO 68 563 563 PRO PRO A . n 
A 1 69 TRP 69 564 564 TRP TRP A . n 
A 1 70 ALA 70 565 565 ALA ALA A . n 
A 1 71 PHE 71 566 566 PHE PHE A . n 
A 1 72 MET 72 567 567 MET MET A . n 
A 1 73 GLN 73 568 568 GLN GLN A . n 
A 1 74 GLY 74 569 569 GLY GLY A . n 
A 1 75 GLU 75 570 570 GLU GLU A . n 
A 1 76 ILE 76 571 571 ILE ILE A . n 
A 1 77 ALA 77 572 572 ALA ALA A . n 
A 1 78 THR 78 573 573 THR THR A . n 
A 1 79 ILE 79 574 574 ILE ILE A . n 
A 1 80 LEU 80 575 575 LEU LEU A . n 
A 1 81 ALA 81 576 576 ALA ALA A . n 
A 1 82 GLY 82 577 ?   ?   ?   A . n 
A 1 83 ASP 83 578 ?   ?   ?   A . n 
B 2 1  ARG 1  1   1   ARG ARG B . n 
B 2 2  SER 2  2   2   SER SER B . n 
B 2 3  SER 3  3   3   SER SER B . n 
B 2 4  VAL 4  4   4   VAL VAL B . n 
B 2 5  ILE 5  5   5   ILE ILE B . n 
B 2 6  THR 6  6   6   THR THR B . n 
B 2 7  SER 7  7   7   SER SER B . n 
B 2 8  ALA 8  8   ?   ?   ?   B . n 
# 
_pdbx_entity_instance_feature.ordinal        1 
_pdbx_entity_instance_feature.comp_id        ZN 
_pdbx_entity_instance_feature.asym_id        ? 
_pdbx_entity_instance_feature.seq_num        ? 
_pdbx_entity_instance_feature.auth_comp_id   ZN 
_pdbx_entity_instance_feature.auth_asym_id   ? 
_pdbx_entity_instance_feature.auth_seq_num   ? 
_pdbx_entity_instance_feature.feature_type   'SUBJECT OF INVESTIGATION' 
_pdbx_entity_instance_feature.details        ? 
# 
loop_
_pdbx_nonpoly_scheme.asym_id 
_pdbx_nonpoly_scheme.entity_id 
_pdbx_nonpoly_scheme.mon_id 
_pdbx_nonpoly_scheme.ndb_seq_num 
_pdbx_nonpoly_scheme.pdb_seq_num 
_pdbx_nonpoly_scheme.auth_seq_num 
_pdbx_nonpoly_scheme.pdb_mon_id 
_pdbx_nonpoly_scheme.auth_mon_id 
_pdbx_nonpoly_scheme.pdb_strand_id 
_pdbx_nonpoly_scheme.pdb_ins_code 
C 3 ZN  1 601 1 ZN  ZN  A . 
D 3 ZN  1 602 2 ZN  ZN  A . 
E 3 ZN  1 603 3 ZN  ZN  A . 
F 4 HOH 1 701 1 HOH HOH A . 
# 
loop_
_pdbx_unobs_or_zero_occ_atoms.id 
_pdbx_unobs_or_zero_occ_atoms.PDB_model_num 
_pdbx_unobs_or_zero_occ_atoms.polymer_flag 
_pdbx_unobs_or_zero_occ_atoms.occupancy_flag 
_pdbx_unobs_or_zero_occ_atoms.auth_asym_id 
_pdbx_unobs_or_zero_occ_atoms.auth_comp_id 
_pdbx_unobs_or_zero_occ_atoms.auth_seq_id 
_pdbx_unobs_or_zero_occ_atoms.PDB_ins_code 
_pdbx_unobs_or_zero_occ_atoms.auth_atom_id 
_pdbx_unobs_or_zero_occ_atoms.label_alt_id 
_pdbx_unobs_or_zero_occ_atoms.label_asym_id 
_pdbx_unobs_or_zero_occ_atoms.label_comp_id 
_pdbx_unobs_or_zero_occ_atoms.label_seq_id 
_pdbx_unobs_or_zero_occ_atoms.label_atom_id 
1  1 Y 1 A GLU 514 ? CG  ? A GLU 19 CG  
2  1 Y 1 A GLU 514 ? CD  ? A GLU 19 CD  
3  1 Y 1 A GLU 514 ? OE1 ? A GLU 19 OE1 
4  1 Y 1 A GLU 514 ? OE2 ? A GLU 19 OE2 
5  1 Y 1 A LYS 539 ? CG  ? A LYS 44 CG  
6  1 Y 1 A LYS 539 ? CD  ? A LYS 44 CD  
7  1 Y 1 A LYS 539 ? CE  ? A LYS 44 CE  
8  1 Y 1 A LYS 539 ? NZ  ? A LYS 44 NZ  
9  1 Y 1 A TYR 548 ? CG  ? A TYR 53 CG  
10 1 Y 1 A TYR 548 ? CD1 ? A TYR 53 CD1 
11 1 Y 1 A TYR 548 ? CD2 ? A TYR 53 CD2 
12 1 Y 1 A TYR 548 ? CE1 ? A TYR 53 CE1 
13 1 Y 1 A TYR 548 ? CE2 ? A TYR 53 CE2 
14 1 Y 1 A TYR 548 ? CZ  ? A TYR 53 CZ  
15 1 Y 1 A TYR 548 ? OH  ? A TYR 53 OH  
16 1 Y 1 A GLU 553 ? CG  ? A GLU 58 CG  
17 1 Y 1 A GLU 553 ? CD  ? A GLU 58 CD  
18 1 Y 1 A GLU 553 ? OE1 ? A GLU 58 OE1 
19 1 Y 1 A GLU 553 ? OE2 ? A GLU 58 OE2 
20 1 Y 1 A LYS 554 ? CG  ? A LYS 59 CG  
21 1 Y 1 A LYS 554 ? CD  ? A LYS 59 CD  
22 1 Y 1 A LYS 554 ? CE  ? A LYS 59 CE  
23 1 Y 1 A LYS 554 ? NZ  ? A LYS 59 NZ  
24 1 Y 1 A ASN 561 ? CG  ? A ASN 66 CG  
25 1 Y 1 A ASN 561 ? OD1 ? A ASN 66 OD1 
26 1 Y 1 A ASN 561 ? ND2 ? A ASN 66 ND2 
27 1 Y 1 A VAL 562 ? CG1 ? A VAL 67 CG1 
28 1 Y 1 A VAL 562 ? CG2 ? A VAL 67 CG2 
# 
loop_
_software.citation_id 
_software.classification 
_software.compiler_name 
_software.compiler_version 
_software.contact_author 
_software.contact_author_email 
_software.date 
_software.description 
_software.dependencies 
_software.hardware 
_software.language 
_software.location 
_software.mods 
_software.name 
_software.os 
_software.os_version 
_software.type 
_software.version 
_software.pdbx_ordinal 
? refinement       ? ? ? ? ? ? ? ? ? ? ? PHENIX   ? ? ? '(1.20.1_4487: ???)' 1 
? 'data scaling'   ? ? ? ? ? ? ? ? ? ? ? HKL-2000 ? ? ? .                    2 
? 'data reduction' ? ? ? ? ? ? ? ? ? ? ? HKL-2000 ? ? ? .                    3 
? phasing          ? ? ? ? ? ? ? ? ? ? ? PHENIX   ? ? ? .                    4 
# 
_cell.angle_alpha                  90.00 
_cell.angle_alpha_esd              ? 
_cell.angle_beta                   90.00 
_cell.angle_beta_esd               ? 
_cell.angle_gamma                  120.00 
_cell.angle_gamma_esd              ? 
_cell.entry_id                     8YTH 
_cell.details                      ? 
_cell.formula_units_Z              ? 
_cell.length_a                     47.315 
_cell.length_a_esd                 ? 
_cell.length_b                     47.315 
_cell.length_b_esd                 ? 
_cell.length_c                     57.489 
_cell.length_c_esd                 ? 
_cell.volume                       ? 
_cell.volume_esd                   ? 
_cell.Z_PDB                        6 
_cell.reciprocal_angle_alpha       ? 
_cell.reciprocal_angle_beta        ? 
_cell.reciprocal_angle_gamma       ? 
_cell.reciprocal_angle_alpha_esd   ? 
_cell.reciprocal_angle_beta_esd    ? 
_cell.reciprocal_angle_gamma_esd   ? 
_cell.reciprocal_length_a          ? 
_cell.reciprocal_length_b          ? 
_cell.reciprocal_length_c          ? 
_cell.reciprocal_length_a_esd      ? 
_cell.reciprocal_length_b_esd      ? 
_cell.reciprocal_length_c_esd      ? 
_cell.pdbx_unique_axis             ? 
_cell.pdbx_esd_method              ? 
# 
_symmetry.entry_id                         8YTH 
_symmetry.cell_setting                     ? 
_symmetry.Int_Tables_number                172 
_symmetry.space_group_name_Hall            ? 
_symmetry.space_group_name_H-M             'P 64' 
_symmetry.pdbx_full_space_group_name_H-M   ? 
# 
_exptl.absorpt_coefficient_mu     ? 
_exptl.absorpt_correction_T_max   ? 
_exptl.absorpt_correction_T_min   ? 
_exptl.absorpt_correction_type    ? 
_exptl.absorpt_process_details    ? 
_exptl.entry_id                   8YTH 
_exptl.crystals_number            1 
_exptl.details                    ? 
_exptl.method                     'X-RAY DIFFRACTION' 
_exptl.method_details             ? 
# 
_exptl_crystal.colour                       ? 
_exptl_crystal.density_diffrn               ? 
_exptl_crystal.density_Matthews             1.92 
_exptl_crystal.density_method               ? 
_exptl_crystal.density_percent_sol          35.85 
_exptl_crystal.description                  ? 
_exptl_crystal.F_000                        ? 
_exptl_crystal.id                           1 
_exptl_crystal.preparation                  ? 
_exptl_crystal.size_max                     ? 
_exptl_crystal.size_mid                     ? 
_exptl_crystal.size_min                     ? 
_exptl_crystal.size_rad                     ? 
_exptl_crystal.colour_lustre                ? 
_exptl_crystal.colour_modifier              ? 
_exptl_crystal.colour_primary               ? 
_exptl_crystal.density_meas                 ? 
_exptl_crystal.density_meas_esd             ? 
_exptl_crystal.density_meas_gt              ? 
_exptl_crystal.density_meas_lt              ? 
_exptl_crystal.density_meas_temp            ? 
_exptl_crystal.density_meas_temp_esd        ? 
_exptl_crystal.density_meas_temp_gt         ? 
_exptl_crystal.density_meas_temp_lt         ? 
_exptl_crystal.pdbx_crystal_image_url       ? 
_exptl_crystal.pdbx_crystal_image_format    ? 
_exptl_crystal.pdbx_mosaicity               ? 
_exptl_crystal.pdbx_mosaicity_esd           ? 
_exptl_crystal.pdbx_mosaic_method           ? 
_exptl_crystal.pdbx_mosaic_block_size       ? 
_exptl_crystal.pdbx_mosaic_block_size_esd   ? 
# 
_exptl_crystal_grow.apparatus       ? 
_exptl_crystal_grow.atmosphere      ? 
_exptl_crystal_grow.crystal_id      1 
_exptl_crystal_grow.details         ? 
_exptl_crystal_grow.method          'VAPOR DIFFUSION, HANGING DROP' 
_exptl_crystal_grow.method_ref      ? 
_exptl_crystal_grow.pH              ? 
_exptl_crystal_grow.pressure        ? 
_exptl_crystal_grow.pressure_esd    ? 
_exptl_crystal_grow.seeding         ? 
_exptl_crystal_grow.seeding_ref     ? 
_exptl_crystal_grow.temp_details    ? 
_exptl_crystal_grow.temp_esd        ? 
_exptl_crystal_grow.time            ? 
_exptl_crystal_grow.pdbx_details    '0.1 M potassium thiocyanate and 30% (w/v) PEG MME 2000' 
_exptl_crystal_grow.pdbx_pH_range   ? 
_exptl_crystal_grow.temp            293 
# 
_diffrn.ambient_environment              ? 
_diffrn.ambient_temp                     100 
_diffrn.ambient_temp_details             ? 
_diffrn.ambient_temp_esd                 ? 
_diffrn.crystal_id                       1 
_diffrn.crystal_support                  ? 
_diffrn.crystal_treatment                ? 
_diffrn.details                          ? 
_diffrn.id                               1 
_diffrn.ambient_pressure                 ? 
_diffrn.ambient_pressure_esd             ? 
_diffrn.ambient_pressure_gt              ? 
_diffrn.ambient_pressure_lt              ? 
_diffrn.ambient_temp_gt                  ? 
_diffrn.ambient_temp_lt                  ? 
_diffrn.pdbx_serial_crystal_experiment   N 
# 
_diffrn_detector.details                      ? 
_diffrn_detector.detector                     PIXEL 
_diffrn_detector.diffrn_id                    1 
_diffrn_detector.type                         'DECTRIS PILATUS3 6M' 
_diffrn_detector.area_resol_mean              ? 
_diffrn_detector.dtime                        ? 
_diffrn_detector.pdbx_frames_total            ? 
_diffrn_detector.pdbx_collection_time_total   ? 
_diffrn_detector.pdbx_collection_date         2023-12-15 
_diffrn_detector.pdbx_frequency               ? 
_diffrn_detector.id                           ? 
_diffrn_detector.number_of_axes               ? 
# 
_diffrn_radiation.collimation                      ? 
_diffrn_radiation.diffrn_id                        1 
_diffrn_radiation.filter_edge                      ? 
_diffrn_radiation.inhomogeneity                    ? 
_diffrn_radiation.monochromator                    ? 
_diffrn_radiation.polarisn_norm                    ? 
_diffrn_radiation.polarisn_ratio                   ? 
_diffrn_radiation.probe                            ? 
_diffrn_radiation.type                             ? 
_diffrn_radiation.xray_symbol                      ? 
_diffrn_radiation.wavelength_id                    1 
_diffrn_radiation.pdbx_monochromatic_or_laue_m_l   M 
_diffrn_radiation.pdbx_wavelength_list             ? 
_diffrn_radiation.pdbx_wavelength                  ? 
_diffrn_radiation.pdbx_diffrn_protocol             'SINGLE WAVELENGTH' 
_diffrn_radiation.pdbx_analyzer                    ? 
_diffrn_radiation.pdbx_scattering_type             x-ray 
# 
_diffrn_radiation_wavelength.id           1 
_diffrn_radiation_wavelength.wavelength   0.9792 
_diffrn_radiation_wavelength.wt           1.0 
# 
_diffrn_source.current                     ? 
_diffrn_source.details                     ? 
_diffrn_source.diffrn_id                   1 
_diffrn_source.power                       ? 
_diffrn_source.size                        ? 
_diffrn_source.source                      SYNCHROTRON 
_diffrn_source.target                      ? 
_diffrn_source.type                        'SSRF BEAMLINE BL18U1' 
_diffrn_source.voltage                     ? 
_diffrn_source.take-off_angle              ? 
_diffrn_source.pdbx_wavelength_list        0.9792 
_diffrn_source.pdbx_wavelength             ? 
_diffrn_source.pdbx_synchrotron_beamline   BL18U1 
_diffrn_source.pdbx_synchrotron_site       SSRF 
# 
_reflns.B_iso_Wilson_estimate                          ? 
_reflns.entry_id                                       8YTH 
_reflns.data_reduction_details                         ? 
_reflns.data_reduction_method                          ? 
_reflns.d_resolution_high                              2.40 
_reflns.d_resolution_low                               50.00 
_reflns.details                                        ? 
_reflns.limit_h_max                                    ? 
_reflns.limit_h_min                                    ? 
_reflns.limit_k_max                                    ? 
_reflns.limit_k_min                                    ? 
_reflns.limit_l_max                                    ? 
_reflns.limit_l_min                                    ? 
_reflns.number_all                                     ? 
_reflns.number_obs                                     2903 
_reflns.observed_criterion                             ? 
_reflns.observed_criterion_F_max                       ? 
_reflns.observed_criterion_F_min                       ? 
_reflns.observed_criterion_I_max                       ? 
_reflns.observed_criterion_I_min                       ? 
_reflns.observed_criterion_sigma_F                     ? 
_reflns.observed_criterion_sigma_I                     ? 
_reflns.percent_possible_obs                           100.0 
_reflns.R_free_details                                 ? 
_reflns.Rmerge_F_all                                   ? 
_reflns.Rmerge_F_obs                                   ? 
_reflns.Friedel_coverage                               ? 
_reflns.number_gt                                      ? 
_reflns.threshold_expression                           ? 
_reflns.pdbx_redundancy                                20.0 
_reflns.pdbx_netI_over_av_sigmaI                       ? 
_reflns.pdbx_netI_over_sigmaI                          5.1 
_reflns.pdbx_res_netI_over_av_sigmaI_2                 ? 
_reflns.pdbx_res_netI_over_sigmaI_2                    ? 
_reflns.pdbx_chi_squared                               1.851 
_reflns.pdbx_scaling_rejects                           ? 
_reflns.pdbx_d_res_high_opt                            ? 
_reflns.pdbx_d_res_low_opt                             ? 
_reflns.pdbx_d_res_opt_method                          ? 
_reflns.phase_calculation_details                      ? 
_reflns.pdbx_Rrim_I_all                                0.165 
_reflns.pdbx_Rpim_I_all                                0.038 
_reflns.pdbx_d_opt                                     ? 
_reflns.pdbx_number_measured_all                       58179 
_reflns.pdbx_diffrn_id                                 1 
_reflns.pdbx_ordinal                                   1 
_reflns.pdbx_CC_half                                   0.912 
_reflns.pdbx_CC_star                                   0.977 
_reflns.pdbx_R_split                                   ? 
_reflns.pdbx_Rmerge_I_obs                              0.161 
_reflns.pdbx_Rmerge_I_all                              ? 
_reflns.pdbx_Rsym_value                                ? 
_reflns.pdbx_CC_split_method                           ? 
_reflns.pdbx_aniso_diffraction_limit_axis_1_ortho[1]   ? 
_reflns.pdbx_aniso_diffraction_limit_axis_1_ortho[2]   ? 
_reflns.pdbx_aniso_diffraction_limit_axis_1_ortho[3]   ? 
_reflns.pdbx_aniso_diffraction_limit_axis_2_ortho[1]   ? 
_reflns.pdbx_aniso_diffraction_limit_axis_2_ortho[2]   ? 
_reflns.pdbx_aniso_diffraction_limit_axis_2_ortho[3]   ? 
_reflns.pdbx_aniso_diffraction_limit_axis_3_ortho[1]   ? 
_reflns.pdbx_aniso_diffraction_limit_axis_3_ortho[2]   ? 
_reflns.pdbx_aniso_diffraction_limit_axis_3_ortho[3]   ? 
_reflns.pdbx_aniso_diffraction_limit_1                 ? 
_reflns.pdbx_aniso_diffraction_limit_2                 ? 
_reflns.pdbx_aniso_diffraction_limit_3                 ? 
_reflns.pdbx_aniso_B_tensor_eigenvector_1_ortho[1]     ? 
_reflns.pdbx_aniso_B_tensor_eigenvector_1_ortho[2]     ? 
_reflns.pdbx_aniso_B_tensor_eigenvector_1_ortho[3]     ? 
_reflns.pdbx_aniso_B_tensor_eigenvector_2_ortho[1]     ? 
_reflns.pdbx_aniso_B_tensor_eigenvector_2_ortho[2]     ? 
_reflns.pdbx_aniso_B_tensor_eigenvector_2_ortho[3]     ? 
_reflns.pdbx_aniso_B_tensor_eigenvector_3_ortho[1]     ? 
_reflns.pdbx_aniso_B_tensor_eigenvector_3_ortho[2]     ? 
_reflns.pdbx_aniso_B_tensor_eigenvector_3_ortho[3]     ? 
_reflns.pdbx_aniso_B_tensor_eigenvalue_1               ? 
_reflns.pdbx_aniso_B_tensor_eigenvalue_2               ? 
_reflns.pdbx_aniso_B_tensor_eigenvalue_3               ? 
_reflns.pdbx_orthogonalization_convention              ? 
_reflns.pdbx_percent_possible_ellipsoidal              ? 
_reflns.pdbx_percent_possible_spherical                ? 
_reflns.pdbx_percent_possible_ellipsoidal_anomalous    ? 
_reflns.pdbx_percent_possible_spherical_anomalous      ? 
_reflns.pdbx_redundancy_anomalous                      ? 
_reflns.pdbx_CC_half_anomalous                         ? 
_reflns.pdbx_absDiff_over_sigma_anomalous              ? 
_reflns.pdbx_percent_possible_anomalous                ? 
_reflns.pdbx_observed_signal_threshold                 ? 
_reflns.pdbx_signal_type                               ? 
_reflns.pdbx_signal_details                            ? 
_reflns.pdbx_signal_software_id                        ? 
# 
loop_
_reflns_shell.d_res_high 
_reflns_shell.d_res_low 
_reflns_shell.meanI_over_sigI_all 
_reflns_shell.meanI_over_sigI_obs 
_reflns_shell.number_measured_all 
_reflns_shell.number_measured_obs 
_reflns_shell.number_possible 
_reflns_shell.number_unique_all 
_reflns_shell.number_unique_obs 
_reflns_shell.percent_possible_obs 
_reflns_shell.Rmerge_F_all 
_reflns_shell.Rmerge_F_obs 
_reflns_shell.meanI_over_sigI_gt 
_reflns_shell.meanI_over_uI_all 
_reflns_shell.meanI_over_uI_gt 
_reflns_shell.number_measured_gt 
_reflns_shell.number_unique_gt 
_reflns_shell.percent_possible_gt 
_reflns_shell.Rmerge_F_gt 
_reflns_shell.Rmerge_I_gt 
_reflns_shell.pdbx_redundancy 
_reflns_shell.pdbx_chi_squared 
_reflns_shell.pdbx_netI_over_sigmaI_all 
_reflns_shell.pdbx_netI_over_sigmaI_obs 
_reflns_shell.pdbx_Rrim_I_all 
_reflns_shell.pdbx_Rpim_I_all 
_reflns_shell.pdbx_rejects 
_reflns_shell.pdbx_ordinal 
_reflns_shell.pdbx_diffrn_id 
_reflns_shell.pdbx_CC_half 
_reflns_shell.pdbx_CC_star 
_reflns_shell.pdbx_R_split 
_reflns_shell.percent_possible_all 
_reflns_shell.Rmerge_I_all 
_reflns_shell.Rmerge_I_obs 
_reflns_shell.pdbx_Rsym_value 
_reflns_shell.pdbx_percent_possible_ellipsoidal 
_reflns_shell.pdbx_percent_possible_spherical 
_reflns_shell.pdbx_percent_possible_ellipsoidal_anomalous 
_reflns_shell.pdbx_percent_possible_spherical_anomalous 
_reflns_shell.pdbx_redundancy_anomalous 
_reflns_shell.pdbx_CC_half_anomalous 
_reflns_shell.pdbx_absDiff_over_sigma_anomalous 
_reflns_shell.pdbx_percent_possible_anomalous 
2.40 2.44  ? ? ? ? ? ? 123 ? ? ? ? ? ? ? ? ? ? ? 20.6 0.929 ? ? 0.466 0.103 ? 1  1 0.970 0.992 ? 100.0 ? 0.455 ? ? ? ? ? ? ? ? ? 
2.44 2.49  ? ? ? ? ? ? 162 ? ? ? ? ? ? ? ? ? ? ? 20.6 0.934 ? ? 0.429 0.094 ? 2  1 0.975 0.994 ? 100.0 ? 0.418 ? ? ? ? ? ? ? ? ? 
2.49 2.53  ? ? ? ? ? ? 129 ? ? ? ? ? ? ? ? ? ? ? 20.7 1.012 ? ? 0.370 0.082 ? 3  1 0.978 0.995 ? 100.0 ? 0.361 ? ? ? ? ? ? ? ? ? 
2.53 2.59  ? ? ? ? ? ? 148 ? ? ? ? ? ? ? ? ? ? ? 20.1 0.958 ? ? 0.362 0.081 ? 4  1 0.981 0.995 ? 100.0 ? 0.353 ? ? ? ? ? ? ? ? ? 
2.59 2.64  ? ? ? ? ? ? 157 ? ? ? ? ? ? ? ? ? ? ? 19.4 1.045 ? ? 0.331 0.075 ? 5  1 0.975 0.994 ? 100.0 ? 0.322 ? ? ? ? ? ? ? ? ? 
2.64 2.70  ? ? ? ? ? ? 135 ? ? ? ? ? ? ? ? ? ? ? 20.3 1.150 ? ? 0.300 0.067 ? 6  1 0.982 0.995 ? 100.0 ? 0.292 ? ? ? ? ? ? ? ? ? 
2.70 2.77  ? ? ? ? ? ? 152 ? ? ? ? ? ? ? ? ? ? ? 20.3 1.187 ? ? 0.267 0.060 ? 7  1 0.984 0.996 ? 100.0 ? 0.260 ? ? ? ? ? ? ? ? ? 
2.77 2.85  ? ? ? ? ? ? 140 ? ? ? ? ? ? ? ? ? ? ? 19.8 1.364 ? ? 0.243 0.054 ? 8  1 0.979 0.995 ? 100.0 ? 0.236 ? ? ? ? ? ? ? ? ? 
2.85 2.93  ? ? ? ? ? ? 145 ? ? ? ? ? ? ? ? ? ? ? 20.6 1.440 ? ? 0.219 0.049 ? 9  1 0.991 0.998 ? 100.0 ? 0.213 ? ? ? ? ? ? ? ? ? 
2.93 3.02  ? ? ? ? ? ? 140 ? ? ? ? ? ? ? ? ? ? ? 21.3 1.533 ? ? 0.206 0.045 ? 10 1 0.984 0.996 ? 100.0 ? 0.201 ? ? ? ? ? ? ? ? ? 
3.02 3.13  ? ? ? ? ? ? 152 ? ? ? ? ? ? ? ? ? ? ? 20.9 1.469 ? ? 0.201 0.044 ? 11 1 0.991 0.998 ? 100.0 ? 0.196 ? ? ? ? ? ? ? ? ? 
3.13 3.26  ? ? ? ? ? ? 134 ? ? ? ? ? ? ? ? ? ? ? 20.5 1.750 ? ? 0.171 0.038 ? 12 1 0.993 0.998 ? 100.0 ? 0.167 ? ? ? ? ? ? ? ? ? 
3.26 3.41  ? ? ? ? ? ? 149 ? ? ? ? ? ? ? ? ? ? ? 19.3 1.980 ? ? 0.167 0.037 ? 13 1 0.995 0.999 ? 100.0 ? 0.163 ? ? ? ? ? ? ? ? ? 
3.41 3.58  ? ? ? ? ? ? 142 ? ? ? ? ? ? ? ? ? ? ? 20.7 2.243 ? ? 0.150 0.033 ? 14 1 0.996 0.999 ? 100.0 ? 0.146 ? ? ? ? ? ? ? ? ? 
3.58 3.81  ? ? ? ? ? ? 150 ? ? ? ? ? ? ? ? ? ? ? 19.9 2.242 ? ? 0.154 0.034 ? 15 1 0.995 0.999 ? 100.0 ? 0.151 ? ? ? ? ? ? ? ? ? 
3.81 4.10  ? ? ? ? ? ? 142 ? ? ? ? ? ? ? ? ? ? ? 20.7 2.619 ? ? 0.149 0.033 ? 16 1 0.996 0.999 ? 100.0 ? 0.145 ? ? ? ? ? ? ? ? ? 
4.10 4.52  ? ? ? ? ? ? 143 ? ? ? ? ? ? ? ? ? ? ? 20.5 2.744 ? ? 0.142 0.032 ? 17 1 0.996 0.999 ? 100.0 ? 0.138 ? ? ? ? ? ? ? ? ? 
4.52 5.17  ? ? ? ? ? ? 154 ? ? ? ? ? ? ? ? ? ? ? 19.2 3.019 ? ? 0.149 0.035 ? 18 1 0.995 0.999 ? 100.0 ? 0.145 ? ? ? ? ? ? ? ? ? 
5.17 6.51  ? ? ? ? ? ? 144 ? ? ? ? ? ? ? ? ? ? ? 19.4 3.419 ? ? 0.161 0.037 ? 19 1 0.979 0.995 ? 100.0 ? 0.157 ? ? ? ? ? ? ? ? ? 
6.51 50.00 ? ? ? ? ? ? 162 ? ? ? ? ? ? ? ? ? ? ? 16.8 4.223 ? ? 0.165 0.042 ? 20 1 0.996 0.999 ? 99.4  ? 0.159 ? ? ? ? ? ? ? ? ? 
# 
_refine.aniso_B[1][1]                            ? 
_refine.aniso_B[1][2]                            ? 
_refine.aniso_B[1][3]                            ? 
_refine.aniso_B[2][2]                            ? 
_refine.aniso_B[2][3]                            ? 
_refine.aniso_B[3][3]                            ? 
_refine.B_iso_max                                ? 
_refine.B_iso_mean                               ? 
_refine.B_iso_min                                ? 
_refine.correlation_coeff_Fo_to_Fc               ? 
_refine.correlation_coeff_Fo_to_Fc_free          ? 
_refine.details                                  ? 
_refine.diff_density_max                         ? 
_refine.diff_density_max_esd                     ? 
_refine.diff_density_min                         ? 
_refine.diff_density_min_esd                     ? 
_refine.diff_density_rms                         ? 
_refine.diff_density_rms_esd                     ? 
_refine.entry_id                                 8YTH 
_refine.pdbx_refine_id                           'X-RAY DIFFRACTION' 
_refine.ls_abs_structure_details                 ? 
_refine.ls_abs_structure_Flack                   ? 
_refine.ls_abs_structure_Flack_esd               ? 
_refine.ls_abs_structure_Rogers                  ? 
_refine.ls_abs_structure_Rogers_esd              ? 
_refine.ls_d_res_high                            2.40 
_refine.ls_d_res_low                             33.37 
_refine.ls_extinction_coef                       ? 
_refine.ls_extinction_coef_esd                   ? 
_refine.ls_extinction_expression                 ? 
_refine.ls_extinction_method                     ? 
_refine.ls_goodness_of_fit_all                   ? 
_refine.ls_goodness_of_fit_all_esd               ? 
_refine.ls_goodness_of_fit_obs                   ? 
_refine.ls_goodness_of_fit_obs_esd               ? 
_refine.ls_hydrogen_treatment                    ? 
_refine.ls_matrix_type                           ? 
_refine.ls_number_constraints                    ? 
_refine.ls_number_parameters                     ? 
_refine.ls_number_reflns_all                     ? 
_refine.ls_number_reflns_obs                     2879 
_refine.ls_number_reflns_R_free                  112 
_refine.ls_number_reflns_R_work                  ? 
_refine.ls_number_restraints                     ? 
_refine.ls_percent_reflns_obs                    99.72 
_refine.ls_percent_reflns_R_free                 3.89 
_refine.ls_R_factor_all                          ? 
_refine.ls_R_factor_obs                          0.2447 
_refine.ls_R_factor_R_free                       0.2807 
_refine.ls_R_factor_R_free_error                 ? 
_refine.ls_R_factor_R_free_error_details         ? 
_refine.ls_R_factor_R_work                       0.2430 
_refine.ls_R_Fsqd_factor_obs                     ? 
_refine.ls_R_I_factor_obs                        ? 
_refine.ls_redundancy_reflns_all                 ? 
_refine.ls_redundancy_reflns_obs                 ? 
_refine.ls_restrained_S_all                      ? 
_refine.ls_restrained_S_obs                      ? 
_refine.ls_shift_over_esd_max                    ? 
_refine.ls_shift_over_esd_mean                   ? 
_refine.ls_structure_factor_coef                 ? 
_refine.ls_weighting_details                     ? 
_refine.ls_weighting_scheme                      ? 
_refine.ls_wR_factor_all                         ? 
_refine.ls_wR_factor_obs                         ? 
_refine.ls_wR_factor_R_free                      ? 
_refine.ls_wR_factor_R_work                      ? 
_refine.occupancy_max                            ? 
_refine.occupancy_min                            ? 
_refine.solvent_model_details                    'FLAT BULK SOLVENT MODEL' 
_refine.solvent_model_param_bsol                 ? 
_refine.solvent_model_param_ksol                 ? 
_refine.pdbx_R_complete                          ? 
_refine.ls_R_factor_gt                           ? 
_refine.ls_goodness_of_fit_gt                    ? 
_refine.ls_goodness_of_fit_ref                   ? 
_refine.ls_shift_over_su_max                     ? 
_refine.ls_shift_over_su_max_lt                  ? 
_refine.ls_shift_over_su_mean                    ? 
_refine.ls_shift_over_su_mean_lt                 ? 
_refine.pdbx_ls_sigma_I                          ? 
_refine.pdbx_ls_sigma_F                          1.40 
_refine.pdbx_ls_sigma_Fsqd                       ? 
_refine.pdbx_data_cutoff_high_absF               ? 
_refine.pdbx_data_cutoff_high_rms_absF           ? 
_refine.pdbx_data_cutoff_low_absF                ? 
_refine.pdbx_isotropic_thermal_model             ? 
_refine.pdbx_ls_cross_valid_method               'FREE R-VALUE' 
_refine.pdbx_method_to_determine_struct          'MOLECULAR REPLACEMENT' 
_refine.pdbx_starting_model                      ? 
_refine.pdbx_stereochemistry_target_values       ML 
_refine.pdbx_R_Free_selection_details            ? 
_refine.pdbx_stereochem_target_val_spec_case     ? 
_refine.pdbx_overall_ESU_R                       ? 
_refine.pdbx_overall_ESU_R_Free                  ? 
_refine.pdbx_solvent_vdw_probe_radii             1.10 
_refine.pdbx_solvent_ion_probe_radii             ? 
_refine.pdbx_solvent_shrinkage_radii             0.90 
_refine.pdbx_real_space_R                        ? 
_refine.pdbx_density_correlation                 ? 
_refine.pdbx_pd_number_of_powder_patterns        ? 
_refine.pdbx_pd_number_of_points                 ? 
_refine.pdbx_pd_meas_number_of_points            ? 
_refine.pdbx_pd_proc_ls_prof_R_factor            ? 
_refine.pdbx_pd_proc_ls_prof_wR_factor           ? 
_refine.pdbx_pd_Marquardt_correlation_coeff      ? 
_refine.pdbx_pd_Fsqrd_R_factor                   ? 
_refine.pdbx_pd_ls_matrix_band_width             ? 
_refine.pdbx_overall_phase_error                 28.01 
_refine.pdbx_overall_SU_R_free_Cruickshank_DPI   ? 
_refine.pdbx_overall_SU_R_free_Blow_DPI          ? 
_refine.pdbx_overall_SU_R_Blow_DPI               ? 
_refine.pdbx_TLS_residual_ADP_flag               ? 
_refine.pdbx_diffrn_id                           1 
_refine.overall_SU_B                             ? 
_refine.overall_SU_ML                            0.00 
_refine.overall_SU_R_Cruickshank_DPI             ? 
_refine.overall_SU_R_free                        ? 
_refine.overall_FOM_free_R_set                   ? 
_refine.overall_FOM_work_R_set                   ? 
_refine.pdbx_average_fsc_overall                 ? 
_refine.pdbx_average_fsc_work                    ? 
_refine.pdbx_average_fsc_free                    ? 
# 
_refine_hist.pdbx_refine_id                   'X-RAY DIFFRACTION' 
_refine_hist.cycle_id                         LAST 
_refine_hist.pdbx_number_atoms_protein        557 
_refine_hist.pdbx_number_atoms_nucleic_acid   0 
_refine_hist.pdbx_number_atoms_ligand         3 
_refine_hist.number_atoms_solvent             1 
_refine_hist.number_atoms_total               561 
_refine_hist.d_res_high                       2.40 
_refine_hist.d_res_low                        33.37 
# 
loop_
_refine_ls_restr.pdbx_refine_id 
_refine_ls_restr.criterion 
_refine_ls_restr.dev_ideal 
_refine_ls_restr.dev_ideal_target 
_refine_ls_restr.number 
_refine_ls_restr.rejects 
_refine_ls_restr.type 
_refine_ls_restr.weight 
_refine_ls_restr.pdbx_restraint_function 
'X-RAY DIFFRACTION' ? 0.004  ? 569 ? f_bond_d           ? ? 
'X-RAY DIFFRACTION' ? 0.752  ? 771 ? f_angle_d          ? ? 
'X-RAY DIFFRACTION' ? 17.175 ? 198 ? f_dihedral_angle_d ? ? 
'X-RAY DIFFRACTION' ? 0.049  ? 91  ? f_chiral_restr     ? ? 
'X-RAY DIFFRACTION' ? 0.008  ? 97  ? f_plane_restr      ? ? 
# 
_refine_ls_shell.pdbx_refine_id                   'X-RAY DIFFRACTION' 
_refine_ls_shell.d_res_high                       2.40 
_refine_ls_shell.d_res_low                        33.37 
_refine_ls_shell.number_reflns_all                ? 
_refine_ls_shell.number_reflns_obs                ? 
_refine_ls_shell.number_reflns_R_free             112 
_refine_ls_shell.number_reflns_R_work             2767 
_refine_ls_shell.percent_reflns_obs               100.00 
_refine_ls_shell.percent_reflns_R_free            ? 
_refine_ls_shell.R_factor_all                     ? 
_refine_ls_shell.R_factor_obs                     ? 
_refine_ls_shell.R_factor_R_free_error            ? 
_refine_ls_shell.R_factor_R_work                  0.2430 
_refine_ls_shell.redundancy_reflns_all            ? 
_refine_ls_shell.redundancy_reflns_obs            ? 
_refine_ls_shell.wR_factor_all                    ? 
_refine_ls_shell.wR_factor_obs                    ? 
_refine_ls_shell.wR_factor_R_free                 ? 
_refine_ls_shell.wR_factor_R_work                 ? 
_refine_ls_shell.pdbx_R_complete                  ? 
_refine_ls_shell.pdbx_total_number_of_bins_used   ? 
_refine_ls_shell.pdbx_phase_error                 ? 
_refine_ls_shell.pdbx_fsc_work                    ? 
_refine_ls_shell.pdbx_fsc_free                    ? 
_refine_ls_shell.R_factor_R_free                  0.2807 
# 
_struct.entry_id                     8YTH 
_struct.title                        'Crystal structures of human IRF2BP2 RING domain in complex with ZBTB16 peptide' 
_struct.pdbx_model_details           ? 
_struct.pdbx_formula_weight          ? 
_struct.pdbx_formula_weight_method   ? 
_struct.pdbx_model_type_details      ? 
_struct.pdbx_CASP_flag               N 
# 
_struct_keywords.entry_id        8YTH 
_struct_keywords.text            'IRF2BP2, RING domain, ZBTB16, TRANSCRIPTION' 
_struct_keywords.pdbx_keywords   TRANSCRIPTION 
# 
loop_
_struct_asym.id 
_struct_asym.pdbx_blank_PDB_chainid_flag 
_struct_asym.pdbx_modified 
_struct_asym.entity_id 
_struct_asym.details 
A N N 1 ? 
B N N 2 ? 
C N N 3 ? 
D N N 3 ? 
E N N 3 ? 
F N N 4 ? 
# 
loop_
_struct_ref.id 
_struct_ref.db_name 
_struct_ref.db_code 
_struct_ref.pdbx_db_accession 
_struct_ref.pdbx_db_isoform 
_struct_ref.entity_id 
_struct_ref.pdbx_seq_one_letter_code 
_struct_ref.pdbx_align_begin 
1 UNP I2BP2_HUMAN Q7Z5L9 ? 1 
;SLATSAPLCCTLCHERLEDTHFVQCPSVPSHKFCFPCSRQSIKQQGASGEVYCPSGEKCPLVGSNVPWAFMQGEIATILA
GD
;
497 
2 UNP ZBT16_HUMAN Q05516 ? 2 RSSVITSA                                                                              285 
# 
loop_
_struct_ref_seq.align_id 
_struct_ref_seq.ref_id 
_struct_ref_seq.pdbx_PDB_id_code 
_struct_ref_seq.pdbx_strand_id 
_struct_ref_seq.seq_align_beg 
_struct_ref_seq.pdbx_seq_align_beg_ins_code 
_struct_ref_seq.seq_align_end 
_struct_ref_seq.pdbx_seq_align_end_ins_code 
_struct_ref_seq.pdbx_db_accession 
_struct_ref_seq.db_align_beg 
_struct_ref_seq.pdbx_db_align_beg_ins_code 
_struct_ref_seq.db_align_end 
_struct_ref_seq.pdbx_db_align_end_ins_code 
_struct_ref_seq.pdbx_auth_seq_align_beg 
_struct_ref_seq.pdbx_auth_seq_align_end 
1 1 8YTH A 2 ? 83 ? Q7Z5L9 497 ? 578 ? 497 578 
2 2 8YTH B 1 ? 8  ? Q05516 285 ? 292 ? 1   8   
# 
_struct_ref_seq_dif.align_id                     1 
_struct_ref_seq_dif.pdbx_pdb_id_code             8YTH 
_struct_ref_seq_dif.mon_id                       GLY 
_struct_ref_seq_dif.pdbx_pdb_strand_id           A 
_struct_ref_seq_dif.seq_num                      1 
_struct_ref_seq_dif.pdbx_pdb_ins_code            ? 
_struct_ref_seq_dif.pdbx_seq_db_name             UNP 
_struct_ref_seq_dif.pdbx_seq_db_accession_code   Q7Z5L9 
_struct_ref_seq_dif.db_mon_id                    ? 
_struct_ref_seq_dif.pdbx_seq_db_seq_num          ? 
_struct_ref_seq_dif.details                      'expression tag' 
_struct_ref_seq_dif.pdbx_auth_seq_num            496 
_struct_ref_seq_dif.pdbx_ordinal                 1 
# 
_pdbx_struct_assembly.id                   1 
_pdbx_struct_assembly.details              author_and_software_defined_assembly 
_pdbx_struct_assembly.method_details       PISA 
_pdbx_struct_assembly.oligomeric_details   dimeric 
_pdbx_struct_assembly.oligomeric_count     2 
# 
loop_
_pdbx_struct_assembly_prop.biol_id 
_pdbx_struct_assembly_prop.type 
_pdbx_struct_assembly_prop.value 
_pdbx_struct_assembly_prop.details 
1 'ABSA (A^2)' 870  ? 
1 MORE         -32  ? 
1 'SSA (A^2)'  4520 ? 
# 
_pdbx_struct_assembly_gen.assembly_id       1 
_pdbx_struct_assembly_gen.oper_expression   1 
_pdbx_struct_assembly_gen.asym_id_list      A,B,C,D,E,F 
# 
_pdbx_struct_assembly_auth_evidence.id                     1 
_pdbx_struct_assembly_auth_evidence.assembly_id            1 
_pdbx_struct_assembly_auth_evidence.experimental_support   none 
_pdbx_struct_assembly_auth_evidence.details                ? 
# 
_pdbx_struct_oper_list.id                   1 
_pdbx_struct_oper_list.type                 'identity operation' 
_pdbx_struct_oper_list.name                 1_555 
_pdbx_struct_oper_list.symmetry_operation   x,y,z 
_pdbx_struct_oper_list.matrix[1][1]         1.0000000000 
_pdbx_struct_oper_list.matrix[1][2]         0.0000000000 
_pdbx_struct_oper_list.matrix[1][3]         0.0000000000 
_pdbx_struct_oper_list.vector[1]            0.0000000000 
_pdbx_struct_oper_list.matrix[2][1]         0.0000000000 
_pdbx_struct_oper_list.matrix[2][2]         1.0000000000 
_pdbx_struct_oper_list.matrix[2][3]         0.0000000000 
_pdbx_struct_oper_list.vector[2]            0.0000000000 
_pdbx_struct_oper_list.matrix[3][1]         0.0000000000 
_pdbx_struct_oper_list.matrix[3][2]         0.0000000000 
_pdbx_struct_oper_list.matrix[3][3]         1.0000000000 
_pdbx_struct_oper_list.vector[3]            0.0000000000 
# 
loop_
_struct_conf.conf_type_id 
_struct_conf.id 
_struct_conf.pdbx_PDB_helix_id 
_struct_conf.beg_label_comp_id 
_struct_conf.beg_label_asym_id 
_struct_conf.beg_label_seq_id 
_struct_conf.pdbx_beg_PDB_ins_code 
_struct_conf.end_label_comp_id 
_struct_conf.end_label_asym_id 
_struct_conf.end_label_seq_id 
_struct_conf.pdbx_end_PDB_ins_code 
_struct_conf.beg_auth_comp_id 
_struct_conf.beg_auth_asym_id 
_struct_conf.beg_auth_seq_id 
_struct_conf.end_auth_comp_id 
_struct_conf.end_auth_asym_id 
_struct_conf.end_auth_seq_id 
_struct_conf.pdbx_PDB_helix_class 
_struct_conf.details 
_struct_conf.pdbx_PDB_helix_length 
HELX_P HELX_P1 AA1 CYS A 35 ? GLY A 47 ? CYS A 530 GLY A 542 1 ? 13 
HELX_P HELX_P2 AA2 MET A 72 ? ALA A 81 ? MET A 567 ALA A 576 1 ? 10 
# 
_struct_conf_type.id          HELX_P 
_struct_conf_type.criteria    ? 
_struct_conf_type.reference   ? 
# 
loop_
_struct_conn.id 
_struct_conn.conn_type_id 
_struct_conn.pdbx_leaving_atom_flag 
_struct_conn.pdbx_PDB_id 
_struct_conn.ptnr1_label_asym_id 
_struct_conn.ptnr1_label_comp_id 
_struct_conn.ptnr1_label_seq_id 
_struct_conn.ptnr1_label_atom_id 
_struct_conn.pdbx_ptnr1_label_alt_id 
_struct_conn.pdbx_ptnr1_PDB_ins_code 
_struct_conn.pdbx_ptnr1_standard_comp_id 
_struct_conn.ptnr1_symmetry 
_struct_conn.ptnr2_label_asym_id 
_struct_conn.ptnr2_label_comp_id 
_struct_conn.ptnr2_label_seq_id 
_struct_conn.ptnr2_label_atom_id 
_struct_conn.pdbx_ptnr2_label_alt_id 
_struct_conn.pdbx_ptnr2_PDB_ins_code 
_struct_conn.ptnr1_auth_asym_id 
_struct_conn.ptnr1_auth_comp_id 
_struct_conn.ptnr1_auth_seq_id 
_struct_conn.ptnr2_auth_asym_id 
_struct_conn.ptnr2_auth_comp_id 
_struct_conn.ptnr2_auth_seq_id 
_struct_conn.ptnr2_symmetry 
_struct_conn.pdbx_ptnr3_label_atom_id 
_struct_conn.pdbx_ptnr3_label_seq_id 
_struct_conn.pdbx_ptnr3_label_comp_id 
_struct_conn.pdbx_ptnr3_label_asym_id 
_struct_conn.pdbx_ptnr3_label_alt_id 
_struct_conn.pdbx_ptnr3_PDB_ins_code 
_struct_conn.details 
_struct_conn.pdbx_dist_value 
_struct_conn.pdbx_value_order 
_struct_conn.pdbx_role 
metalc1  metalc ? ? A CYS 10 SG  ? ? ? 1_555 E ZN . ZN ? ? A CYS 505 A ZN 603 1_555 ? ? ? ? ? ? ? 2.300 ? ? 
metalc2  metalc ? ? A CYS 11 SG  ? ? ? 1_555 C ZN . ZN ? ? A CYS 506 A ZN 601 1_555 ? ? ? ? ? ? ? 2.356 ? ? 
metalc3  metalc ? ? A CYS 14 SG  ? ? ? 1_555 C ZN . ZN ? ? A CYS 509 A ZN 601 1_555 ? ? ? ? ? ? ? 2.338 ? ? 
metalc4  metalc ? ? A HIS 15 ND1 ? ? ? 1_555 E ZN . ZN ? ? A HIS 510 A ZN 603 1_555 ? ? ? ? ? ? ? 2.308 ? ? 
metalc5  metalc ? ? A HIS 22 ND1 ? ? ? 1_555 E ZN . ZN ? ? A HIS 517 A ZN 603 3_564 ? ? ? ? ? ? ? 2.210 ? ? 
metalc6  metalc ? ? A CYS 26 SG  ? ? ? 1_555 D ZN . ZN ? ? A CYS 521 A ZN 602 1_555 ? ? ? ? ? ? ? 2.316 ? ? 
metalc7  metalc ? ? A HIS 32 ND1 ? ? ? 1_555 D ZN . ZN ? ? A HIS 527 A ZN 602 1_555 ? ? ? ? ? ? ? 2.110 ? ? 
metalc8  metalc ? ? A CYS 35 SG  ? ? ? 1_555 C ZN . ZN ? ? A CYS 530 A ZN 601 1_555 ? ? ? ? ? ? ? 2.320 ? ? 
metalc9  metalc ? ? A CYS 38 SG  ? ? ? 1_555 C ZN . ZN ? ? A CYS 533 A ZN 601 1_555 ? ? ? ? ? ? ? 2.314 ? ? 
metalc10 metalc ? ? A CYS 54 SG  ? ? ? 1_555 D ZN . ZN ? ? A CYS 549 A ZN 602 1_555 ? ? ? ? ? ? ? 2.310 ? ? 
metalc11 metalc ? ? A CYS 60 SG  ? ? ? 1_555 D ZN . ZN ? ? A CYS 555 A ZN 602 1_555 ? ? ? ? ? ? ? 2.305 ? ? 
# 
_struct_conn_type.id          metalc 
_struct_conn_type.criteria    ? 
_struct_conn_type.reference   ? 
# 
loop_
_pdbx_struct_conn_angle.id 
_pdbx_struct_conn_angle.ptnr1_label_atom_id 
_pdbx_struct_conn_angle.ptnr1_label_alt_id 
_pdbx_struct_conn_angle.ptnr1_label_asym_id 
_pdbx_struct_conn_angle.ptnr1_label_comp_id 
_pdbx_struct_conn_angle.ptnr1_label_seq_id 
_pdbx_struct_conn_angle.ptnr1_auth_atom_id 
_pdbx_struct_conn_angle.ptnr1_auth_asym_id 
_pdbx_struct_conn_angle.ptnr1_auth_comp_id 
_pdbx_struct_conn_angle.ptnr1_auth_seq_id 
_pdbx_struct_conn_angle.ptnr1_PDB_ins_code 
_pdbx_struct_conn_angle.ptnr1_symmetry 
_pdbx_struct_conn_angle.ptnr2_label_atom_id 
_pdbx_struct_conn_angle.ptnr2_label_alt_id 
_pdbx_struct_conn_angle.ptnr2_label_asym_id 
_pdbx_struct_conn_angle.ptnr2_label_comp_id 
_pdbx_struct_conn_angle.ptnr2_label_seq_id 
_pdbx_struct_conn_angle.ptnr2_auth_atom_id 
_pdbx_struct_conn_angle.ptnr2_auth_asym_id 
_pdbx_struct_conn_angle.ptnr2_auth_comp_id 
_pdbx_struct_conn_angle.ptnr2_auth_seq_id 
_pdbx_struct_conn_angle.ptnr2_PDB_ins_code 
_pdbx_struct_conn_angle.ptnr2_symmetry 
_pdbx_struct_conn_angle.ptnr3_label_atom_id 
_pdbx_struct_conn_angle.ptnr3_label_alt_id 
_pdbx_struct_conn_angle.ptnr3_label_asym_id 
_pdbx_struct_conn_angle.ptnr3_label_comp_id 
_pdbx_struct_conn_angle.ptnr3_label_seq_id 
_pdbx_struct_conn_angle.ptnr3_auth_atom_id 
_pdbx_struct_conn_angle.ptnr3_auth_asym_id 
_pdbx_struct_conn_angle.ptnr3_auth_comp_id 
_pdbx_struct_conn_angle.ptnr3_auth_seq_id 
_pdbx_struct_conn_angle.ptnr3_PDB_ins_code 
_pdbx_struct_conn_angle.ptnr3_symmetry 
_pdbx_struct_conn_angle.value 
_pdbx_struct_conn_angle.value_esd 
1  SG  ? A CYS 10 ? A CYS 505 ? 1_555 ZN ? E ZN . ? A ZN 603 ? 1_555 ND1 ? A HIS 15 ? A HIS 510 ? 1_555 125.9 ? 
2  SG  ? A CYS 10 ? A CYS 505 ? 1_555 ZN ? E ZN . ? A ZN 603 ? 1_555 ND1 ? A HIS 22 ? A HIS 517 ? 1_555 38.6  ? 
3  ND1 ? A HIS 15 ? A HIS 510 ? 1_555 ZN ? E ZN . ? A ZN 603 ? 1_555 ND1 ? A HIS 22 ? A HIS 517 ? 1_555 111.3 ? 
4  SG  ? A CYS 11 ? A CYS 506 ? 1_555 ZN ? C ZN . ? A ZN 601 ? 1_555 SG  ? A CYS 14 ? A CYS 509 ? 1_555 112.0 ? 
5  SG  ? A CYS 11 ? A CYS 506 ? 1_555 ZN ? C ZN . ? A ZN 601 ? 1_555 SG  ? A CYS 35 ? A CYS 530 ? 1_555 113.1 ? 
6  SG  ? A CYS 14 ? A CYS 509 ? 1_555 ZN ? C ZN . ? A ZN 601 ? 1_555 SG  ? A CYS 35 ? A CYS 530 ? 1_555 105.2 ? 
7  SG  ? A CYS 11 ? A CYS 506 ? 1_555 ZN ? C ZN . ? A ZN 601 ? 1_555 SG  ? A CYS 38 ? A CYS 533 ? 1_555 102.1 ? 
8  SG  ? A CYS 14 ? A CYS 509 ? 1_555 ZN ? C ZN . ? A ZN 601 ? 1_555 SG  ? A CYS 38 ? A CYS 533 ? 1_555 121.8 ? 
9  SG  ? A CYS 35 ? A CYS 530 ? 1_555 ZN ? C ZN . ? A ZN 601 ? 1_555 SG  ? A CYS 38 ? A CYS 533 ? 1_555 102.3 ? 
10 SG  ? A CYS 26 ? A CYS 521 ? 1_555 ZN ? D ZN . ? A ZN 602 ? 1_555 ND1 ? A HIS 32 ? A HIS 527 ? 1_555 112.6 ? 
11 SG  ? A CYS 26 ? A CYS 521 ? 1_555 ZN ? D ZN . ? A ZN 602 ? 1_555 SG  ? A CYS 54 ? A CYS 549 ? 1_555 111.2 ? 
12 ND1 ? A HIS 32 ? A HIS 527 ? 1_555 ZN ? D ZN . ? A ZN 602 ? 1_555 SG  ? A CYS 54 ? A CYS 549 ? 1_555 112.0 ? 
13 SG  ? A CYS 26 ? A CYS 521 ? 1_555 ZN ? D ZN . ? A ZN 602 ? 1_555 SG  ? A CYS 60 ? A CYS 555 ? 1_555 109.4 ? 
14 ND1 ? A HIS 32 ? A HIS 527 ? 1_555 ZN ? D ZN . ? A ZN 602 ? 1_555 SG  ? A CYS 60 ? A CYS 555 ? 1_555 103.4 ? 
15 SG  ? A CYS 54 ? A CYS 549 ? 1_555 ZN ? D ZN . ? A ZN 602 ? 1_555 SG  ? A CYS 60 ? A CYS 555 ? 1_555 107.8 ? 
# 
_struct_sheet.id               AA1 
_struct_sheet.type             ? 
_struct_sheet.number_strands   3 
_struct_sheet.details          ? 
# 
loop_
_struct_sheet_order.sheet_id 
_struct_sheet_order.range_id_1 
_struct_sheet_order.range_id_2 
_struct_sheet_order.offset 
_struct_sheet_order.sense 
AA1 1 2 ? anti-parallel 
AA1 2 3 ? anti-parallel 
# 
loop_
_struct_sheet_range.sheet_id 
_struct_sheet_range.id 
_struct_sheet_range.beg_label_comp_id 
_struct_sheet_range.beg_label_asym_id 
_struct_sheet_range.beg_label_seq_id 
_struct_sheet_range.pdbx_beg_PDB_ins_code 
_struct_sheet_range.end_label_comp_id 
_struct_sheet_range.end_label_asym_id 
_struct_sheet_range.end_label_seq_id 
_struct_sheet_range.pdbx_end_PDB_ins_code 
_struct_sheet_range.beg_auth_comp_id 
_struct_sheet_range.beg_auth_asym_id 
_struct_sheet_range.beg_auth_seq_id 
_struct_sheet_range.end_auth_comp_id 
_struct_sheet_range.end_auth_asym_id 
_struct_sheet_range.end_auth_seq_id 
AA1 1 LYS A 33 ? PHE A 34 ? LYS A 528 PHE A 529 
AA1 2 PHE A 23 ? GLN A 25 ? PHE A 518 GLN A 520 
AA1 3 ILE B 5  ? THR B 6  ? ILE B 5   THR B 6   
# 
loop_
_pdbx_struct_sheet_hbond.sheet_id 
_pdbx_struct_sheet_hbond.range_id_1 
_pdbx_struct_sheet_hbond.range_id_2 
_pdbx_struct_sheet_hbond.range_1_label_atom_id 
_pdbx_struct_sheet_hbond.range_1_label_comp_id 
_pdbx_struct_sheet_hbond.range_1_label_asym_id 
_pdbx_struct_sheet_hbond.range_1_label_seq_id 
_pdbx_struct_sheet_hbond.range_1_PDB_ins_code 
_pdbx_struct_sheet_hbond.range_1_auth_atom_id 
_pdbx_struct_sheet_hbond.range_1_auth_comp_id 
_pdbx_struct_sheet_hbond.range_1_auth_asym_id 
_pdbx_struct_sheet_hbond.range_1_auth_seq_id 
_pdbx_struct_sheet_hbond.range_2_label_atom_id 
_pdbx_struct_sheet_hbond.range_2_label_comp_id 
_pdbx_struct_sheet_hbond.range_2_label_asym_id 
_pdbx_struct_sheet_hbond.range_2_label_seq_id 
_pdbx_struct_sheet_hbond.range_2_PDB_ins_code 
_pdbx_struct_sheet_hbond.range_2_auth_atom_id 
_pdbx_struct_sheet_hbond.range_2_auth_comp_id 
_pdbx_struct_sheet_hbond.range_2_auth_asym_id 
_pdbx_struct_sheet_hbond.range_2_auth_seq_id 
AA1 1 2 O PHE A 34 ? O PHE A 529 N VAL A 24 ? N VAL A 519 
AA1 2 3 N PHE A 23 ? N PHE A 518 O THR B 6  ? O THR B 6   
# 
_pdbx_entry_details.entry_id                   8YTH 
_pdbx_entry_details.has_ligand_of_interest     Y 
_pdbx_entry_details.compound_details           ? 
_pdbx_entry_details.source_details             ? 
_pdbx_entry_details.nonpolymer_details         ? 
_pdbx_entry_details.sequence_details           ? 
_pdbx_entry_details.has_protein_modification   N 
# 
loop_
_pdbx_unobs_or_zero_occ_residues.id 
_pdbx_unobs_or_zero_occ_residues.PDB_model_num 
_pdbx_unobs_or_zero_occ_residues.polymer_flag 
_pdbx_unobs_or_zero_occ_residues.occupancy_flag 
_pdbx_unobs_or_zero_occ_residues.auth_asym_id 
_pdbx_unobs_or_zero_occ_residues.auth_comp_id 
_pdbx_unobs_or_zero_occ_residues.auth_seq_id 
_pdbx_unobs_or_zero_occ_residues.PDB_ins_code 
_pdbx_unobs_or_zero_occ_residues.label_asym_id 
_pdbx_unobs_or_zero_occ_residues.label_comp_id 
_pdbx_unobs_or_zero_occ_residues.label_seq_id 
1  1 Y 1 A GLY 496 ? A GLY 1  
2  1 Y 1 A SER 497 ? A SER 2  
3  1 Y 1 A LEU 498 ? A LEU 3  
4  1 Y 1 A ALA 499 ? A ALA 4  
5  1 Y 1 A THR 500 ? A THR 5  
6  1 Y 1 A SER 501 ? A SER 6  
7  1 Y 1 A ALA 502 ? A ALA 7  
8  1 Y 1 A ALA 543 ? A ALA 48 
9  1 Y 1 A SER 544 ? A SER 49 
10 1 Y 1 A GLY 545 ? A GLY 50 
11 1 Y 1 A GLU 546 ? A GLU 51 
12 1 Y 1 A GLY 559 ? A GLY 64 
13 1 Y 1 A GLY 577 ? A GLY 82 
14 1 Y 1 A ASP 578 ? A ASP 83 
15 1 Y 1 B ALA 8   ? B ALA 8  
# 
loop_
_chem_comp_atom.comp_id 
_chem_comp_atom.atom_id 
_chem_comp_atom.type_symbol 
_chem_comp_atom.pdbx_aromatic_flag 
_chem_comp_atom.pdbx_stereo_config 
_chem_comp_atom.pdbx_ordinal 
ALA N    N  N N 1   
ALA CA   C  N S 2   
ALA C    C  N N 3   
ALA O    O  N N 4   
ALA CB   C  N N 5   
ALA OXT  O  N N 6   
ALA H    H  N N 7   
ALA H2   H  N N 8   
ALA HA   H  N N 9   
ALA HB1  H  N N 10  
ALA HB2  H  N N 11  
ALA HB3  H  N N 12  
ALA HXT  H  N N 13  
ARG N    N  N N 14  
ARG CA   C  N S 15  
ARG C    C  N N 16  
ARG O    O  N N 17  
ARG CB   C  N N 18  
ARG CG   C  N N 19  
ARG CD   C  N N 20  
ARG NE   N  N N 21  
ARG CZ   C  N N 22  
ARG NH1  N  N N 23  
ARG NH2  N  N N 24  
ARG OXT  O  N N 25  
ARG H    H  N N 26  
ARG H2   H  N N 27  
ARG HA   H  N N 28  
ARG HB2  H  N N 29  
ARG HB3  H  N N 30  
ARG HG2  H  N N 31  
ARG HG3  H  N N 32  
ARG HD2  H  N N 33  
ARG HD3  H  N N 34  
ARG HE   H  N N 35  
ARG HH11 H  N N 36  
ARG HH12 H  N N 37  
ARG HH21 H  N N 38  
ARG HH22 H  N N 39  
ARG HXT  H  N N 40  
ASN N    N  N N 41  
ASN CA   C  N S 42  
ASN C    C  N N 43  
ASN O    O  N N 44  
ASN CB   C  N N 45  
ASN CG   C  N N 46  
ASN OD1  O  N N 47  
ASN ND2  N  N N 48  
ASN OXT  O  N N 49  
ASN H    H  N N 50  
ASN H2   H  N N 51  
ASN HA   H  N N 52  
ASN HB2  H  N N 53  
ASN HB3  H  N N 54  
ASN HD21 H  N N 55  
ASN HD22 H  N N 56  
ASN HXT  H  N N 57  
ASP N    N  N N 58  
ASP CA   C  N S 59  
ASP C    C  N N 60  
ASP O    O  N N 61  
ASP CB   C  N N 62  
ASP CG   C  N N 63  
ASP OD1  O  N N 64  
ASP OD2  O  N N 65  
ASP OXT  O  N N 66  
ASP H    H  N N 67  
ASP H2   H  N N 68  
ASP HA   H  N N 69  
ASP HB2  H  N N 70  
ASP HB3  H  N N 71  
ASP HD2  H  N N 72  
ASP HXT  H  N N 73  
CYS N    N  N N 74  
CYS CA   C  N R 75  
CYS C    C  N N 76  
CYS O    O  N N 77  
CYS CB   C  N N 78  
CYS SG   S  N N 79  
CYS OXT  O  N N 80  
CYS H    H  N N 81  
CYS H2   H  N N 82  
CYS HA   H  N N 83  
CYS HB2  H  N N 84  
CYS HB3  H  N N 85  
CYS HG   H  N N 86  
CYS HXT  H  N N 87  
GLN N    N  N N 88  
GLN CA   C  N S 89  
GLN C    C  N N 90  
GLN O    O  N N 91  
GLN CB   C  N N 92  
GLN CG   C  N N 93  
GLN CD   C  N N 94  
GLN OE1  O  N N 95  
GLN NE2  N  N N 96  
GLN OXT  O  N N 97  
GLN H    H  N N 98  
GLN H2   H  N N 99  
GLN HA   H  N N 100 
GLN HB2  H  N N 101 
GLN HB3  H  N N 102 
GLN HG2  H  N N 103 
GLN HG3  H  N N 104 
GLN HE21 H  N N 105 
GLN HE22 H  N N 106 
GLN HXT  H  N N 107 
GLU N    N  N N 108 
GLU CA   C  N S 109 
GLU C    C  N N 110 
GLU O    O  N N 111 
GLU CB   C  N N 112 
GLU CG   C  N N 113 
GLU CD   C  N N 114 
GLU OE1  O  N N 115 
GLU OE2  O  N N 116 
GLU OXT  O  N N 117 
GLU H    H  N N 118 
GLU H2   H  N N 119 
GLU HA   H  N N 120 
GLU HB2  H  N N 121 
GLU HB3  H  N N 122 
GLU HG2  H  N N 123 
GLU HG3  H  N N 124 
GLU HE2  H  N N 125 
GLU HXT  H  N N 126 
GLY N    N  N N 127 
GLY CA   C  N N 128 
GLY C    C  N N 129 
GLY O    O  N N 130 
GLY OXT  O  N N 131 
GLY H    H  N N 132 
GLY H2   H  N N 133 
GLY HA2  H  N N 134 
GLY HA3  H  N N 135 
GLY HXT  H  N N 136 
HIS N    N  N N 137 
HIS CA   C  N S 138 
HIS C    C  N N 139 
HIS O    O  N N 140 
HIS CB   C  N N 141 
HIS CG   C  Y N 142 
HIS ND1  N  Y N 143 
HIS CD2  C  Y N 144 
HIS CE1  C  Y N 145 
HIS NE2  N  Y N 146 
HIS OXT  O  N N 147 
HIS H    H  N N 148 
HIS H2   H  N N 149 
HIS HA   H  N N 150 
HIS HB2  H  N N 151 
HIS HB3  H  N N 152 
HIS HD1  H  N N 153 
HIS HD2  H  N N 154 
HIS HE1  H  N N 155 
HIS HE2  H  N N 156 
HIS HXT  H  N N 157 
HOH O    O  N N 158 
HOH H1   H  N N 159 
HOH H2   H  N N 160 
ILE N    N  N N 161 
ILE CA   C  N S 162 
ILE C    C  N N 163 
ILE O    O  N N 164 
ILE CB   C  N S 165 
ILE CG1  C  N N 166 
ILE CG2  C  N N 167 
ILE CD1  C  N N 168 
ILE OXT  O  N N 169 
ILE H    H  N N 170 
ILE H2   H  N N 171 
ILE HA   H  N N 172 
ILE HB   H  N N 173 
ILE HG12 H  N N 174 
ILE HG13 H  N N 175 
ILE HG21 H  N N 176 
ILE HG22 H  N N 177 
ILE HG23 H  N N 178 
ILE HD11 H  N N 179 
ILE HD12 H  N N 180 
ILE HD13 H  N N 181 
ILE HXT  H  N N 182 
LEU N    N  N N 183 
LEU CA   C  N S 184 
LEU C    C  N N 185 
LEU O    O  N N 186 
LEU CB   C  N N 187 
LEU CG   C  N N 188 
LEU CD1  C  N N 189 
LEU CD2  C  N N 190 
LEU OXT  O  N N 191 
LEU H    H  N N 192 
LEU H2   H  N N 193 
LEU HA   H  N N 194 
LEU HB2  H  N N 195 
LEU HB3  H  N N 196 
LEU HG   H  N N 197 
LEU HD11 H  N N 198 
LEU HD12 H  N N 199 
LEU HD13 H  N N 200 
LEU HD21 H  N N 201 
LEU HD22 H  N N 202 
LEU HD23 H  N N 203 
LEU HXT  H  N N 204 
LYS N    N  N N 205 
LYS CA   C  N S 206 
LYS C    C  N N 207 
LYS O    O  N N 208 
LYS CB   C  N N 209 
LYS CG   C  N N 210 
LYS CD   C  N N 211 
LYS CE   C  N N 212 
LYS NZ   N  N N 213 
LYS OXT  O  N N 214 
LYS H    H  N N 215 
LYS H2   H  N N 216 
LYS HA   H  N N 217 
LYS HB2  H  N N 218 
LYS HB3  H  N N 219 
LYS HG2  H  N N 220 
LYS HG3  H  N N 221 
LYS HD2  H  N N 222 
LYS HD3  H  N N 223 
LYS HE2  H  N N 224 
LYS HE3  H  N N 225 
LYS HZ1  H  N N 226 
LYS HZ2  H  N N 227 
LYS HZ3  H  N N 228 
LYS HXT  H  N N 229 
MET N    N  N N 230 
MET CA   C  N S 231 
MET C    C  N N 232 
MET O    O  N N 233 
MET CB   C  N N 234 
MET CG   C  N N 235 
MET SD   S  N N 236 
MET CE   C  N N 237 
MET OXT  O  N N 238 
MET H    H  N N 239 
MET H2   H  N N 240 
MET HA   H  N N 241 
MET HB2  H  N N 242 
MET HB3  H  N N 243 
MET HG2  H  N N 244 
MET HG3  H  N N 245 
MET HE1  H  N N 246 
MET HE2  H  N N 247 
MET HE3  H  N N 248 
MET HXT  H  N N 249 
PHE N    N  N N 250 
PHE CA   C  N S 251 
PHE C    C  N N 252 
PHE O    O  N N 253 
PHE CB   C  N N 254 
PHE CG   C  Y N 255 
PHE CD1  C  Y N 256 
PHE CD2  C  Y N 257 
PHE CE1  C  Y N 258 
PHE CE2  C  Y N 259 
PHE CZ   C  Y N 260 
PHE OXT  O  N N 261 
PHE H    H  N N 262 
PHE H2   H  N N 263 
PHE HA   H  N N 264 
PHE HB2  H  N N 265 
PHE HB3  H  N N 266 
PHE HD1  H  N N 267 
PHE HD2  H  N N 268 
PHE HE1  H  N N 269 
PHE HE2  H  N N 270 
PHE HZ   H  N N 271 
PHE HXT  H  N N 272 
PRO N    N  N N 273 
PRO CA   C  N S 274 
PRO C    C  N N 275 
PRO O    O  N N 276 
PRO CB   C  N N 277 
PRO CG   C  N N 278 
PRO CD   C  N N 279 
PRO OXT  O  N N 280 
PRO H    H  N N 281 
PRO HA   H  N N 282 
PRO HB2  H  N N 283 
PRO HB3  H  N N 284 
PRO HG2  H  N N 285 
PRO HG3  H  N N 286 
PRO HD2  H  N N 287 
PRO HD3  H  N N 288 
PRO HXT  H  N N 289 
SER N    N  N N 290 
SER CA   C  N S 291 
SER C    C  N N 292 
SER O    O  N N 293 
SER CB   C  N N 294 
SER OG   O  N N 295 
SER OXT  O  N N 296 
SER H    H  N N 297 
SER H2   H  N N 298 
SER HA   H  N N 299 
SER HB2  H  N N 300 
SER HB3  H  N N 301 
SER HG   H  N N 302 
SER HXT  H  N N 303 
THR N    N  N N 304 
THR CA   C  N S 305 
THR C    C  N N 306 
THR O    O  N N 307 
THR CB   C  N R 308 
THR OG1  O  N N 309 
THR CG2  C  N N 310 
THR OXT  O  N N 311 
THR H    H  N N 312 
THR H2   H  N N 313 
THR HA   H  N N 314 
THR HB   H  N N 315 
THR HG1  H  N N 316 
THR HG21 H  N N 317 
THR HG22 H  N N 318 
THR HG23 H  N N 319 
THR HXT  H  N N 320 
TRP N    N  N N 321 
TRP CA   C  N S 322 
TRP C    C  N N 323 
TRP O    O  N N 324 
TRP CB   C  N N 325 
TRP CG   C  Y N 326 
TRP CD1  C  Y N 327 
TRP CD2  C  Y N 328 
TRP NE1  N  Y N 329 
TRP CE2  C  Y N 330 
TRP CE3  C  Y N 331 
TRP CZ2  C  Y N 332 
TRP CZ3  C  Y N 333 
TRP CH2  C  Y N 334 
TRP OXT  O  N N 335 
TRP H    H  N N 336 
TRP H2   H  N N 337 
TRP HA   H  N N 338 
TRP HB2  H  N N 339 
TRP HB3  H  N N 340 
TRP HD1  H  N N 341 
TRP HE1  H  N N 342 
TRP HE3  H  N N 343 
TRP HZ2  H  N N 344 
TRP HZ3  H  N N 345 
TRP HH2  H  N N 346 
TRP HXT  H  N N 347 
TYR N    N  N N 348 
TYR CA   C  N S 349 
TYR C    C  N N 350 
TYR O    O  N N 351 
TYR CB   C  N N 352 
TYR CG   C  Y N 353 
TYR CD1  C  Y N 354 
TYR CD2  C  Y N 355 
TYR CE1  C  Y N 356 
TYR CE2  C  Y N 357 
TYR CZ   C  Y N 358 
TYR OH   O  N N 359 
TYR OXT  O  N N 360 
TYR H    H  N N 361 
TYR H2   H  N N 362 
TYR HA   H  N N 363 
TYR HB2  H  N N 364 
TYR HB3  H  N N 365 
TYR HD1  H  N N 366 
TYR HD2  H  N N 367 
TYR HE1  H  N N 368 
TYR HE2  H  N N 369 
TYR HH   H  N N 370 
TYR HXT  H  N N 371 
VAL N    N  N N 372 
VAL CA   C  N S 373 
VAL C    C  N N 374 
VAL O    O  N N 375 
VAL CB   C  N N 376 
VAL CG1  C  N N 377 
VAL CG2  C  N N 378 
VAL OXT  O  N N 379 
VAL H    H  N N 380 
VAL H2   H  N N 381 
VAL HA   H  N N 382 
VAL HB   H  N N 383 
VAL HG11 H  N N 384 
VAL HG12 H  N N 385 
VAL HG13 H  N N 386 
VAL HG21 H  N N 387 
VAL HG22 H  N N 388 
VAL HG23 H  N N 389 
VAL HXT  H  N N 390 
ZN  ZN   ZN N N 391 
# 
loop_
_chem_comp_bond.comp_id 
_chem_comp_bond.atom_id_1 
_chem_comp_bond.atom_id_2 
_chem_comp_bond.value_order 
_chem_comp_bond.pdbx_aromatic_flag 
_chem_comp_bond.pdbx_stereo_config 
_chem_comp_bond.pdbx_ordinal 
ALA N   CA   sing N N 1   
ALA N   H    sing N N 2   
ALA N   H2   sing N N 3   
ALA CA  C    sing N N 4   
ALA CA  CB   sing N N 5   
ALA CA  HA   sing N N 6   
ALA C   O    doub N N 7   
ALA C   OXT  sing N N 8   
ALA CB  HB1  sing N N 9   
ALA CB  HB2  sing N N 10  
ALA CB  HB3  sing N N 11  
ALA OXT HXT  sing N N 12  
ARG N   CA   sing N N 13  
ARG N   H    sing N N 14  
ARG N   H2   sing N N 15  
ARG CA  C    sing N N 16  
ARG CA  CB   sing N N 17  
ARG CA  HA   sing N N 18  
ARG C   O    doub N N 19  
ARG C   OXT  sing N N 20  
ARG CB  CG   sing N N 21  
ARG CB  HB2  sing N N 22  
ARG CB  HB3  sing N N 23  
ARG CG  CD   sing N N 24  
ARG CG  HG2  sing N N 25  
ARG CG  HG3  sing N N 26  
ARG CD  NE   sing N N 27  
ARG CD  HD2  sing N N 28  
ARG CD  HD3  sing N N 29  
ARG NE  CZ   sing N N 30  
ARG NE  HE   sing N N 31  
ARG CZ  NH1  sing N N 32  
ARG CZ  NH2  doub N N 33  
ARG NH1 HH11 sing N N 34  
ARG NH1 HH12 sing N N 35  
ARG NH2 HH21 sing N N 36  
ARG NH2 HH22 sing N N 37  
ARG OXT HXT  sing N N 38  
ASN N   CA   sing N N 39  
ASN N   H    sing N N 40  
ASN N   H2   sing N N 41  
ASN CA  C    sing N N 42  
ASN CA  CB   sing N N 43  
ASN CA  HA   sing N N 44  
ASN C   O    doub N N 45  
ASN C   OXT  sing N N 46  
ASN CB  CG   sing N N 47  
ASN CB  HB2  sing N N 48  
ASN CB  HB3  sing N N 49  
ASN CG  OD1  doub N N 50  
ASN CG  ND2  sing N N 51  
ASN ND2 HD21 sing N N 52  
ASN ND2 HD22 sing N N 53  
ASN OXT HXT  sing N N 54  
ASP N   CA   sing N N 55  
ASP N   H    sing N N 56  
ASP N   H2   sing N N 57  
ASP CA  C    sing N N 58  
ASP CA  CB   sing N N 59  
ASP CA  HA   sing N N 60  
ASP C   O    doub N N 61  
ASP C   OXT  sing N N 62  
ASP CB  CG   sing N N 63  
ASP CB  HB2  sing N N 64  
ASP CB  HB3  sing N N 65  
ASP CG  OD1  doub N N 66  
ASP CG  OD2  sing N N 67  
ASP OD2 HD2  sing N N 68  
ASP OXT HXT  sing N N 69  
CYS N   CA   sing N N 70  
CYS N   H    sing N N 71  
CYS N   H2   sing N N 72  
CYS CA  C    sing N N 73  
CYS CA  CB   sing N N 74  
CYS CA  HA   sing N N 75  
CYS C   O    doub N N 76  
CYS C   OXT  sing N N 77  
CYS CB  SG   sing N N 78  
CYS CB  HB2  sing N N 79  
CYS CB  HB3  sing N N 80  
CYS SG  HG   sing N N 81  
CYS OXT HXT  sing N N 82  
GLN N   CA   sing N N 83  
GLN N   H    sing N N 84  
GLN N   H2   sing N N 85  
GLN CA  C    sing N N 86  
GLN CA  CB   sing N N 87  
GLN CA  HA   sing N N 88  
GLN C   O    doub N N 89  
GLN C   OXT  sing N N 90  
GLN CB  CG   sing N N 91  
GLN CB  HB2  sing N N 92  
GLN CB  HB3  sing N N 93  
GLN CG  CD   sing N N 94  
GLN CG  HG2  sing N N 95  
GLN CG  HG3  sing N N 96  
GLN CD  OE1  doub N N 97  
GLN CD  NE2  sing N N 98  
GLN NE2 HE21 sing N N 99  
GLN NE2 HE22 sing N N 100 
GLN OXT HXT  sing N N 101 
GLU N   CA   sing N N 102 
GLU N   H    sing N N 103 
GLU N   H2   sing N N 104 
GLU CA  C    sing N N 105 
GLU CA  CB   sing N N 106 
GLU CA  HA   sing N N 107 
GLU C   O    doub N N 108 
GLU C   OXT  sing N N 109 
GLU CB  CG   sing N N 110 
GLU CB  HB2  sing N N 111 
GLU CB  HB3  sing N N 112 
GLU CG  CD   sing N N 113 
GLU CG  HG2  sing N N 114 
GLU CG  HG3  sing N N 115 
GLU CD  OE1  doub N N 116 
GLU CD  OE2  sing N N 117 
GLU OE2 HE2  sing N N 118 
GLU OXT HXT  sing N N 119 
GLY N   CA   sing N N 120 
GLY N   H    sing N N 121 
GLY N   H2   sing N N 122 
GLY CA  C    sing N N 123 
GLY CA  HA2  sing N N 124 
GLY CA  HA3  sing N N 125 
GLY C   O    doub N N 126 
GLY C   OXT  sing N N 127 
GLY OXT HXT  sing N N 128 
HIS N   CA   sing N N 129 
HIS N   H    sing N N 130 
HIS N   H2   sing N N 131 
HIS CA  C    sing N N 132 
HIS CA  CB   sing N N 133 
HIS CA  HA   sing N N 134 
HIS C   O    doub N N 135 
HIS C   OXT  sing N N 136 
HIS CB  CG   sing N N 137 
HIS CB  HB2  sing N N 138 
HIS CB  HB3  sing N N 139 
HIS CG  ND1  sing Y N 140 
HIS CG  CD2  doub Y N 141 
HIS ND1 CE1  doub Y N 142 
HIS ND1 HD1  sing N N 143 
HIS CD2 NE2  sing Y N 144 
HIS CD2 HD2  sing N N 145 
HIS CE1 NE2  sing Y N 146 
HIS CE1 HE1  sing N N 147 
HIS NE2 HE2  sing N N 148 
HIS OXT HXT  sing N N 149 
HOH O   H1   sing N N 150 
HOH O   H2   sing N N 151 
ILE N   CA   sing N N 152 
ILE N   H    sing N N 153 
ILE N   H2   sing N N 154 
ILE CA  C    sing N N 155 
ILE CA  CB   sing N N 156 
ILE CA  HA   sing N N 157 
ILE C   O    doub N N 158 
ILE C   OXT  sing N N 159 
ILE CB  CG1  sing N N 160 
ILE CB  CG2  sing N N 161 
ILE CB  HB   sing N N 162 
ILE CG1 CD1  sing N N 163 
ILE CG1 HG12 sing N N 164 
ILE CG1 HG13 sing N N 165 
ILE CG2 HG21 sing N N 166 
ILE CG2 HG22 sing N N 167 
ILE CG2 HG23 sing N N 168 
ILE CD1 HD11 sing N N 169 
ILE CD1 HD12 sing N N 170 
ILE CD1 HD13 sing N N 171 
ILE OXT HXT  sing N N 172 
LEU N   CA   sing N N 173 
LEU N   H    sing N N 174 
LEU N   H2   sing N N 175 
LEU CA  C    sing N N 176 
LEU CA  CB   sing N N 177 
LEU CA  HA   sing N N 178 
LEU C   O    doub N N 179 
LEU C   OXT  sing N N 180 
LEU CB  CG   sing N N 181 
LEU CB  HB2  sing N N 182 
LEU CB  HB3  sing N N 183 
LEU CG  CD1  sing N N 184 
LEU CG  CD2  sing N N 185 
LEU CG  HG   sing N N 186 
LEU CD1 HD11 sing N N 187 
LEU CD1 HD12 sing N N 188 
LEU CD1 HD13 sing N N 189 
LEU CD2 HD21 sing N N 190 
LEU CD2 HD22 sing N N 191 
LEU CD2 HD23 sing N N 192 
LEU OXT HXT  sing N N 193 
LYS N   CA   sing N N 194 
LYS N   H    sing N N 195 
LYS N   H2   sing N N 196 
LYS CA  C    sing N N 197 
LYS CA  CB   sing N N 198 
LYS CA  HA   sing N N 199 
LYS C   O    doub N N 200 
LYS C   OXT  sing N N 201 
LYS CB  CG   sing N N 202 
LYS CB  HB2  sing N N 203 
LYS CB  HB3  sing N N 204 
LYS CG  CD   sing N N 205 
LYS CG  HG2  sing N N 206 
LYS CG  HG3  sing N N 207 
LYS CD  CE   sing N N 208 
LYS CD  HD2  sing N N 209 
LYS CD  HD3  sing N N 210 
LYS CE  NZ   sing N N 211 
LYS CE  HE2  sing N N 212 
LYS CE  HE3  sing N N 213 
LYS NZ  HZ1  sing N N 214 
LYS NZ  HZ2  sing N N 215 
LYS NZ  HZ3  sing N N 216 
LYS OXT HXT  sing N N 217 
MET N   CA   sing N N 218 
MET N   H    sing N N 219 
MET N   H2   sing N N 220 
MET CA  C    sing N N 221 
MET CA  CB   sing N N 222 
MET CA  HA   sing N N 223 
MET C   O    doub N N 224 
MET C   OXT  sing N N 225 
MET CB  CG   sing N N 226 
MET CB  HB2  sing N N 227 
MET CB  HB3  sing N N 228 
MET CG  SD   sing N N 229 
MET CG  HG2  sing N N 230 
MET CG  HG3  sing N N 231 
MET SD  CE   sing N N 232 
MET CE  HE1  sing N N 233 
MET CE  HE2  sing N N 234 
MET CE  HE3  sing N N 235 
MET OXT HXT  sing N N 236 
PHE N   CA   sing N N 237 
PHE N   H    sing N N 238 
PHE N   H2   sing N N 239 
PHE CA  C    sing N N 240 
PHE CA  CB   sing N N 241 
PHE CA  HA   sing N N 242 
PHE C   O    doub N N 243 
PHE C   OXT  sing N N 244 
PHE CB  CG   sing N N 245 
PHE CB  HB2  sing N N 246 
PHE CB  HB3  sing N N 247 
PHE CG  CD1  doub Y N 248 
PHE CG  CD2  sing Y N 249 
PHE CD1 CE1  sing Y N 250 
PHE CD1 HD1  sing N N 251 
PHE CD2 CE2  doub Y N 252 
PHE CD2 HD2  sing N N 253 
PHE CE1 CZ   doub Y N 254 
PHE CE1 HE1  sing N N 255 
PHE CE2 CZ   sing Y N 256 
PHE CE2 HE2  sing N N 257 
PHE CZ  HZ   sing N N 258 
PHE OXT HXT  sing N N 259 
PRO N   CA   sing N N 260 
PRO N   CD   sing N N 261 
PRO N   H    sing N N 262 
PRO CA  C    sing N N 263 
PRO CA  CB   sing N N 264 
PRO CA  HA   sing N N 265 
PRO C   O    doub N N 266 
PRO C   OXT  sing N N 267 
PRO CB  CG   sing N N 268 
PRO CB  HB2  sing N N 269 
PRO CB  HB3  sing N N 270 
PRO CG  CD   sing N N 271 
PRO CG  HG2  sing N N 272 
PRO CG  HG3  sing N N 273 
PRO CD  HD2  sing N N 274 
PRO CD  HD3  sing N N 275 
PRO OXT HXT  sing N N 276 
SER N   CA   sing N N 277 
SER N   H    sing N N 278 
SER N   H2   sing N N 279 
SER CA  C    sing N N 280 
SER CA  CB   sing N N 281 
SER CA  HA   sing N N 282 
SER C   O    doub N N 283 
SER C   OXT  sing N N 284 
SER CB  OG   sing N N 285 
SER CB  HB2  sing N N 286 
SER CB  HB3  sing N N 287 
SER OG  HG   sing N N 288 
SER OXT HXT  sing N N 289 
THR N   CA   sing N N 290 
THR N   H    sing N N 291 
THR N   H2   sing N N 292 
THR CA  C    sing N N 293 
THR CA  CB   sing N N 294 
THR CA  HA   sing N N 295 
THR C   O    doub N N 296 
THR C   OXT  sing N N 297 
THR CB  OG1  sing N N 298 
THR CB  CG2  sing N N 299 
THR CB  HB   sing N N 300 
THR OG1 HG1  sing N N 301 
THR CG2 HG21 sing N N 302 
THR CG2 HG22 sing N N 303 
THR CG2 HG23 sing N N 304 
THR OXT HXT  sing N N 305 
TRP N   CA   sing N N 306 
TRP N   H    sing N N 307 
TRP N   H2   sing N N 308 
TRP CA  C    sing N N 309 
TRP CA  CB   sing N N 310 
TRP CA  HA   sing N N 311 
TRP C   O    doub N N 312 
TRP C   OXT  sing N N 313 
TRP CB  CG   sing N N 314 
TRP CB  HB2  sing N N 315 
TRP CB  HB3  sing N N 316 
TRP CG  CD1  doub Y N 317 
TRP CG  CD2  sing Y N 318 
TRP CD1 NE1  sing Y N 319 
TRP CD1 HD1  sing N N 320 
TRP CD2 CE2  doub Y N 321 
TRP CD2 CE3  sing Y N 322 
TRP NE1 CE2  sing Y N 323 
TRP NE1 HE1  sing N N 324 
TRP CE2 CZ2  sing Y N 325 
TRP CE3 CZ3  doub Y N 326 
TRP CE3 HE3  sing N N 327 
TRP CZ2 CH2  doub Y N 328 
TRP CZ2 HZ2  sing N N 329 
TRP CZ3 CH2  sing Y N 330 
TRP CZ3 HZ3  sing N N 331 
TRP CH2 HH2  sing N N 332 
TRP OXT HXT  sing N N 333 
TYR N   CA   sing N N 334 
TYR N   H    sing N N 335 
TYR N   H2   sing N N 336 
TYR CA  C    sing N N 337 
TYR CA  CB   sing N N 338 
TYR CA  HA   sing N N 339 
TYR C   O    doub N N 340 
TYR C   OXT  sing N N 341 
TYR CB  CG   sing N N 342 
TYR CB  HB2  sing N N 343 
TYR CB  HB3  sing N N 344 
TYR CG  CD1  doub Y N 345 
TYR CG  CD2  sing Y N 346 
TYR CD1 CE1  sing Y N 347 
TYR CD1 HD1  sing N N 348 
TYR CD2 CE2  doub Y N 349 
TYR CD2 HD2  sing N N 350 
TYR CE1 CZ   doub Y N 351 
TYR CE1 HE1  sing N N 352 
TYR CE2 CZ   sing Y N 353 
TYR CE2 HE2  sing N N 354 
TYR CZ  OH   sing N N 355 
TYR OH  HH   sing N N 356 
TYR OXT HXT  sing N N 357 
VAL N   CA   sing N N 358 
VAL N   H    sing N N 359 
VAL N   H2   sing N N 360 
VAL CA  C    sing N N 361 
VAL CA  CB   sing N N 362 
VAL CA  HA   sing N N 363 
VAL C   O    doub N N 364 
VAL C   OXT  sing N N 365 
VAL CB  CG1  sing N N 366 
VAL CB  CG2  sing N N 367 
VAL CB  HB   sing N N 368 
VAL CG1 HG11 sing N N 369 
VAL CG1 HG12 sing N N 370 
VAL CG1 HG13 sing N N 371 
VAL CG2 HG21 sing N N 372 
VAL CG2 HG22 sing N N 373 
VAL CG2 HG23 sing N N 374 
VAL OXT HXT  sing N N 375 
# 
_pdbx_audit_support.funding_organization   'Chinese Academy of Sciences' 
_pdbx_audit_support.country                China 
_pdbx_audit_support.grant_number           XDB37030305 
_pdbx_audit_support.ordinal                1 
# 
_pdbx_initial_refinement_model.id               1 
_pdbx_initial_refinement_model.entity_id_list   ? 
_pdbx_initial_refinement_model.type             'experimental model' 
_pdbx_initial_refinement_model.source_name      PDB 
_pdbx_initial_refinement_model.accession_code   8YTF 
_pdbx_initial_refinement_model.details          ? 
# 
_atom_sites.entry_id                    8YTH 
_atom_sites.Cartn_transf_matrix[1][1]   ? 
_atom_sites.Cartn_transf_matrix[1][2]   ? 
_atom_sites.Cartn_transf_matrix[1][3]   ? 
_atom_sites.Cartn_transf_matrix[2][1]   ? 
_atom_sites.Cartn_transf_matrix[2][2]   ? 
_atom_sites.Cartn_transf_matrix[2][3]   ? 
_atom_sites.Cartn_transf_matrix[3][1]   ? 
_atom_sites.Cartn_transf_matrix[3][2]   ? 
_atom_sites.Cartn_transf_matrix[3][3]   ? 
_atom_sites.Cartn_transf_vector[1]      ? 
_atom_sites.Cartn_transf_vector[2]      ? 
_atom_sites.Cartn_transf_vector[3]      ? 
_atom_sites.Cartn_transform_axes        ? 
_atom_sites.fract_transf_matrix[1][1]   -0.00696505 
_atom_sites.fract_transf_matrix[1][2]   0.01942301 
_atom_sites.fract_transf_matrix[1][3]   0.01303118 
_atom_sites.fract_transf_matrix[2][1]   -0.02345135 
_atom_sites.fract_transf_matrix[2][2]   0.00279626 
_atom_sites.fract_transf_matrix[2][3]   0.00614973 
_atom_sites.fract_transf_matrix[3][1]   0.00279938 
_atom_sites.fract_transf_matrix[3][2]   -0.00886160 
_atom_sites.fract_transf_matrix[3][3]   0.01470447 
_atom_sites.fract_transf_vector[1]      0.188097 
_atom_sites.fract_transf_vector[2]      0.409718 
_atom_sites.fract_transf_vector[3]      0.160740 
_atom_sites.solution_primary            ? 
_atom_sites.solution_secondary          ? 
_atom_sites.solution_hydrogens          ? 
_atom_sites.special_details             ? 
# 
loop_
_atom_type.symbol 
C  
N  
O  
S  
ZN 
# 
loop_
_atom_site.group_PDB 
_atom_site.id 
_atom_site.type_symbol 
_atom_site.label_atom_id 
_atom_site.label_alt_id 
_atom_site.label_comp_id 
_atom_site.label_asym_id 
_atom_site.label_entity_id 
_atom_site.label_seq_id 
_atom_site.pdbx_PDB_ins_code 
_atom_site.Cartn_x 
_atom_site.Cartn_y 
_atom_site.Cartn_z 
_atom_site.occupancy 
_atom_site.B_iso_or_equiv 
_atom_site.pdbx_formal_charge 
_atom_site.auth_seq_id 
_atom_site.auth_comp_id 
_atom_site.auth_asym_id 
_atom_site.auth_atom_id 
_atom_site.pdbx_PDB_model_num 
ATOM   1   N  N   . PRO A 1 8  ? -9.990  -6.436  7.979   1.00 39.24  ? 503 PRO A N   1 
ATOM   2   C  CA  . PRO A 1 8  ? -10.560 -5.214  8.556   1.00 47.74  ? 503 PRO A CA  1 
ATOM   3   C  C   . PRO A 1 8  ? -10.369 -4.041  7.596   1.00 53.17  ? 503 PRO A C   1 
ATOM   4   O  O   . PRO A 1 8  ? -9.253  -3.781  7.144   1.00 46.46  ? 503 PRO A O   1 
ATOM   5   C  CB  . PRO A 1 8  ? -9.773  -5.024  9.863   1.00 49.01  ? 503 PRO A CB  1 
ATOM   6   C  CG  . PRO A 1 8  ? -8.518  -5.805  9.685   1.00 45.77  ? 503 PRO A CG  1 
ATOM   7   C  CD  . PRO A 1 8  ? -8.796  -6.907  8.698   1.00 49.50  ? 503 PRO A CD  1 
ATOM   8   N  N   . LEU A 1 9  ? -11.461 -3.359  7.264   1.00 51.92  ? 504 LEU A N   1 
ATOM   9   C  CA  . LEU A 1 9  ? -11.437 -2.379  6.181   1.00 56.23  ? 504 LEU A CA  1 
ATOM   10  C  C   . LEU A 1 9  ? -11.117 -0.984  6.709   1.00 56.04  ? 504 LEU A C   1 
ATOM   11  O  O   . LEU A 1 9  ? -11.919 -0.054  6.625   1.00 62.93  ? 504 LEU A O   1 
ATOM   12  C  CB  . LEU A 1 9  ? -12.758 -2.381  5.428   1.00 57.21  ? 504 LEU A CB  1 
ATOM   13  C  CG  . LEU A 1 9  ? -12.663 -2.646  3.928   1.00 59.80  ? 504 LEU A CG  1 
ATOM   14  C  CD1 . LEU A 1 9  ? -13.850 -2.011  3.233   1.00 71.34  ? 504 LEU A CD1 1 
ATOM   15  C  CD2 . LEU A 1 9  ? -11.348 -2.160  3.316   1.00 56.39  ? 504 LEU A CD2 1 
ATOM   16  N  N   . CYS A 1 10 ? -9.916  -0.845  7.259   1.00 54.46  ? 505 CYS A N   1 
ATOM   17  C  CA  . CYS A 1 10 ? -9.434  0.472   7.631   1.00 57.29  ? 505 CYS A CA  1 
ATOM   18  C  C   . CYS A 1 10 ? -7.918  0.416   7.706   1.00 44.91  ? 505 CYS A C   1 
ATOM   19  O  O   . CYS A 1 10 ? -7.314  -0.659  7.763   1.00 41.34  ? 505 CYS A O   1 
ATOM   20  C  CB  . CYS A 1 10 ? -10.084 0.969   8.932   1.00 58.86  ? 505 CYS A CB  1 
ATOM   21  S  SG  . CYS A 1 10 ? -9.177  0.832   10.459  1.00 55.44  ? 505 CYS A SG  1 
ATOM   22  N  N   . CYS A 1 11 ? -7.315  1.600   7.660   1.00 46.73  ? 506 CYS A N   1 
ATOM   23  C  CA  . CYS A 1 11 ? -5.880  1.731   7.466   1.00 47.59  ? 506 CYS A CA  1 
ATOM   24  C  C   . CYS A 1 11 ? -5.139  1.210   8.690   1.00 43.20  ? 506 CYS A C   1 
ATOM   25  O  O   . CYS A 1 11 ? -5.491  1.532   9.824   1.00 44.97  ? 506 CYS A O   1 
ATOM   26  C  CB  . CYS A 1 11 ? -5.534  3.193   7.203   1.00 46.41  ? 506 CYS A CB  1 
ATOM   27  S  SG  . CYS A 1 11 ? -3.791  3.551   7.010   1.00 50.21  ? 506 CYS A SG  1 
ATOM   28  N  N   . THR A 1 12 ? -4.118  0.389   8.467   1.00 43.06  ? 507 THR A N   1 
ATOM   29  C  CA  . THR A 1 12 ? -3.450  -0.171  9.637   1.00 42.69  ? 507 THR A CA  1 
ATOM   30  C  C   . THR A 1 12 ? -2.440  0.791   10.247  1.00 51.04  ? 507 THR A C   1 
ATOM   31  O  O   . THR A 1 12 ? -1.713  0.413   11.171  1.00 59.36  ? 507 THR A O   1 
ATOM   32  C  CB  . THR A 1 12 ? -2.781  -1.501  9.277   1.00 42.12  ? 507 THR A CB  1 
ATOM   33  O  OG1 . THR A 1 12 ? -2.236  -2.099  10.459  1.00 48.97  ? 507 THR A OG1 1 
ATOM   34  C  CG2 . THR A 1 12 ? -1.669  -1.295  8.268   1.00 37.12  ? 507 THR A CG2 1 
ATOM   35  N  N   . LEU A 1 13 ? -2.386  2.023   9.741   1.00 54.96  ? 508 LEU A N   1 
ATOM   36  C  CA  . LEU A 1 13 ? -1.540  3.075   10.291  1.00 53.99  ? 508 LEU A CA  1 
ATOM   37  C  C   . LEU A 1 13 ? -2.366  4.177   10.946  1.00 49.13  ? 508 LEU A C   1 
ATOM   38  O  O   . LEU A 1 13 ? -2.194  4.464   12.136  1.00 56.09  ? 508 LEU A O   1 
ATOM   39  C  CB  . LEU A 1 13 ? -0.648  3.668   9.194   1.00 56.55  ? 508 LEU A CB  1 
ATOM   40  C  CG  . LEU A 1 13 ? 0.270   2.696   8.452   1.00 57.12  ? 508 LEU A CG  1 
ATOM   41  C  CD1 . LEU A 1 13 ? 1.168   3.433   7.469   1.00 52.32  ? 508 LEU A CD1 1 
ATOM   42  C  CD2 . LEU A 1 13 ? 1.092   1.879   9.434   1.00 45.56  ? 508 LEU A CD2 1 
ATOM   43  N  N   . CYS A 1 14 ? -3.258  4.817   10.194  1.00 51.34  ? 509 CYS A N   1 
ATOM   44  C  CA  . CYS A 1 14 ? -4.074  5.898   10.731  1.00 53.51  ? 509 CYS A CA  1 
ATOM   45  C  C   . CYS A 1 14 ? -5.454  5.434   11.180  1.00 48.47  ? 509 CYS A C   1 
ATOM   46  O  O   . CYS A 1 14 ? -6.136  6.174   11.898  1.00 52.40  ? 509 CYS A O   1 
ATOM   47  C  CB  . CYS A 1 14 ? -4.222  7.011   9.688   1.00 36.56  ? 509 CYS A CB  1 
ATOM   48  S  SG  . CYS A 1 14 ? -5.518  6.720   8.468   1.00 57.83  ? 509 CYS A SG  1 
ATOM   49  N  N   . HIS A 1 15 ? -5.876  4.239   10.769  1.00 47.47  ? 510 HIS A N   1 
ATOM   50  C  CA  . HIS A 1 15 ? -7.133  3.627   11.211  1.00 53.19  ? 510 HIS A CA  1 
ATOM   51  C  C   . HIS A 1 15 ? -8.345  4.416   10.729  1.00 56.25  ? 510 HIS A C   1 
ATOM   52  O  O   . HIS A 1 15 ? -9.360  4.525   11.419  1.00 54.00  ? 510 HIS A O   1 
ATOM   53  C  CB  . HIS A 1 15 ? -7.155  3.435   12.729  1.00 46.17  ? 510 HIS A CB  1 
ATOM   54  C  CG  . HIS A 1 15 ? -6.060  2.546   13.224  1.00 45.57  ? 510 HIS A CG  1 
ATOM   55  N  ND1 . HIS A 1 15 ? -6.152  1.169   13.212  1.00 38.44  ? 510 HIS A ND1 1 
ATOM   56  C  CD2 . HIS A 1 15 ? -4.833  2.838   13.714  1.00 43.50  ? 510 HIS A CD2 1 
ATOM   57  C  CE1 . HIS A 1 15 ? -5.037  0.651   13.698  1.00 40.76  ? 510 HIS A CE1 1 
ATOM   58  N  NE2 . HIS A 1 15 ? -4.219  1.644   14.006  1.00 43.24  ? 510 HIS A NE2 1 
ATOM   59  N  N   . GLU A 1 16 ? -8.244  4.956   9.519   1.00 57.13  ? 511 GLU A N   1 
ATOM   60  C  CA  . GLU A 1 16 ? -9.385  5.548   8.841   1.00 58.18  ? 511 GLU A CA  1 
ATOM   61  C  C   . GLU A 1 16 ? -10.088 4.467   8.030   1.00 57.64  ? 511 GLU A C   1 
ATOM   62  O  O   . GLU A 1 16 ? -9.432  3.615   7.424   1.00 58.78  ? 511 GLU A O   1 
ATOM   63  C  CB  . GLU A 1 16 ? -8.923  6.693   7.938   1.00 59.71  ? 511 GLU A CB  1 
ATOM   64  C  CG  . GLU A 1 16 ? -9.533  6.689   6.555   1.00 62.71  ? 511 GLU A CG  1 
ATOM   65  C  CD  . GLU A 1 16 ? -10.533 7.810   6.362   1.00 72.49  ? 511 GLU A CD  1 
ATOM   66  O  OE1 . GLU A 1 16 ? -10.587 8.713   7.227   1.00 59.03  ? 511 GLU A OE1 1 
ATOM   67  O  OE2 . GLU A 1 16 ? -11.265 7.789   5.349   1.00 77.20  ? 511 GLU A OE2 1 
ATOM   68  N  N   . ARG A 1 17 ? -11.420 4.487   8.042   1.00 57.03  ? 512 ARG A N   1 
ATOM   69  C  CA  . ARG A 1 17 ? -12.176 3.472   7.317   1.00 64.01  ? 512 ARG A CA  1 
ATOM   70  C  C   . ARG A 1 17 ? -11.935 3.606   5.818   1.00 59.79  ? 512 ARG A C   1 
ATOM   71  O  O   . ARG A 1 17 ? -11.645 4.689   5.304   1.00 59.52  ? 512 ARG A O   1 
ATOM   72  C  CB  . ARG A 1 17 ? -13.672 3.569   7.636   1.00 59.85  ? 512 ARG A CB  1 
ATOM   73  C  CG  . ARG A 1 17 ? -14.016 3.415   9.125   1.00 64.74  ? 512 ARG A CG  1 
ATOM   74  C  CD  . ARG A 1 17 ? -13.433 2.132   9.740   1.00 60.44  ? 512 ARG A CD  1 
ATOM   75  N  NE  . ARG A 1 17 ? -13.807 0.922   9.012   1.00 69.78  ? 512 ARG A NE  1 
ATOM   76  C  CZ  . ARG A 1 17 ? -13.631 -0.312  9.467   1.00 72.15  ? 512 ARG A CZ  1 
ATOM   77  N  NH1 . ARG A 1 17 ? -13.130 -0.541  10.672  1.00 71.27  ? 512 ARG A NH1 1 
ATOM   78  N  NH2 . ARG A 1 17 ? -13.967 -1.344  8.696   1.00 64.72  ? 512 ARG A NH2 1 
ATOM   79  N  N   . LEU A 1 18 ? -12.032 2.478   5.121   1.00 60.38  ? 513 LEU A N   1 
ATOM   80  C  CA  . LEU A 1 18 ? -11.743 2.372   3.694   1.00 57.69  ? 513 LEU A CA  1 
ATOM   81  C  C   . LEU A 1 18 ? -12.915 1.734   2.966   1.00 58.95  ? 513 LEU A C   1 
ATOM   82  O  O   . LEU A 1 18 ? -12.742 1.014   1.978   1.00 59.78  ? 513 LEU A O   1 
ATOM   83  C  CB  . LEU A 1 18 ? -10.460 1.570   3.462   1.00 47.52  ? 513 LEU A CB  1 
ATOM   84  C  CG  . LEU A 1 18 ? -9.282  1.934   4.369   1.00 51.71  ? 513 LEU A CG  1 
ATOM   85  C  CD1 . LEU A 1 18 ? -8.129  0.961   4.181   1.00 40.70  ? 513 LEU A CD1 1 
ATOM   86  C  CD2 . LEU A 1 18 ? -8.829  3.375   4.128   1.00 54.19  ? 513 LEU A CD2 1 
ATOM   87  N  N   . GLU A 1 19 ? -14.133 1.985   3.451   1.00 67.06  ? 514 GLU A N   1 
ATOM   88  C  CA  . GLU A 1 19 ? -15.311 1.312   2.921   1.00 75.40  ? 514 GLU A CA  1 
ATOM   89  C  C   . GLU A 1 19 ? -15.834 1.938   1.636   1.00 71.41  ? 514 GLU A C   1 
ATOM   90  O  O   . GLU A 1 19 ? -16.494 1.242   0.854   1.00 85.46  ? 514 GLU A O   1 
ATOM   91  C  CB  . GLU A 1 19 ? -16.426 1.297   3.973   1.00 77.17  ? 514 GLU A CB  1 
ATOM   92  N  N   . ASP A 1 20 ? -15.552 3.218   1.387   1.00 65.79  ? 515 ASP A N   1 
ATOM   93  C  CA  . ASP A 1 20 ? -16.135 3.934   0.257   1.00 70.95  ? 515 ASP A CA  1 
ATOM   94  C  C   . ASP A 1 20 ? -15.092 4.514   -0.691  1.00 60.25  ? 515 ASP A C   1 
ATOM   95  O  O   . ASP A 1 20 ? -15.437 5.354   -1.532  1.00 59.54  ? 515 ASP A O   1 
ATOM   96  C  CB  . ASP A 1 20 ? -17.037 5.064   0.760   1.00 76.06  ? 515 ASP A CB  1 
ATOM   97  C  CG  . ASP A 1 20 ? -16.250 6.216   1.381   1.00 81.97  ? 515 ASP A CG  1 
ATOM   98  O  OD1 . ASP A 1 20 ? -15.194 5.950   2.001   1.00 82.07  ? 515 ASP A OD1 1 
ATOM   99  O  OD2 . ASP A 1 20 ? -16.680 7.383   1.246   1.00 78.42  ? 515 ASP A OD2 1 
ATOM   100 N  N   . THR A 1 21 ? -13.831 4.097   -0.589  1.00 56.36  ? 516 THR A N   1 
ATOM   101 C  CA  . THR A 1 21 ? -12.746 4.738   -1.317  1.00 58.28  ? 516 THR A CA  1 
ATOM   102 C  C   . THR A 1 21 ? -11.754 3.669   -1.760  1.00 50.64  ? 516 THR A C   1 
ATOM   103 O  O   . THR A 1 21 ? -11.999 2.465   -1.638  1.00 45.57  ? 516 THR A O   1 
ATOM   104 C  CB  . THR A 1 21 ? -12.072 5.809   -0.443  1.00 53.89  ? 516 THR A CB  1 
ATOM   105 O  OG1 . THR A 1 21 ? -13.074 6.504   0.302   1.00 67.41  ? 516 THR A OG1 1 
ATOM   106 C  CG2 . THR A 1 21 ? -11.300 6.829   -1.279  1.00 39.29  ? 516 THR A CG2 1 
ATOM   107 N  N   . HIS A 1 22 ? -10.627 4.144   -2.263  1.00 45.46  ? 517 HIS A N   1 
ATOM   108 C  CA  . HIS A 1 22 ? -9.579  3.228   -2.737  1.00 46.95  ? 517 HIS A CA  1 
ATOM   109 C  C   . HIS A 1 22 ? -8.495  3.174   -1.675  1.00 42.44  ? 517 HIS A C   1 
ATOM   110 O  O   . HIS A 1 22 ? -8.425  4.039   -0.789  1.00 36.35  ? 517 HIS A O   1 
ATOM   111 C  CB  . HIS A 1 22 ? -8.979  3.762   -4.034  1.00 38.39  ? 517 HIS A CB  1 
ATOM   112 C  CG  . HIS A 1 22 ? -8.616  5.208   -4.002  1.00 47.21  ? 517 HIS A CG  1 
ATOM   113 N  ND1 . HIS A 1 22 ? -8.617  6.003   -5.127  1.00 52.37  ? 517 HIS A ND1 1 
ATOM   114 C  CD2 . HIS A 1 22 ? -8.239  5.996   -2.991  1.00 48.75  ? 517 HIS A CD2 1 
ATOM   115 C  CE1 . HIS A 1 22 ? -8.248  7.228   -4.790  1.00 51.75  ? 517 HIS A CE1 1 
ATOM   116 N  NE2 . HIS A 1 22 ? -8.015  7.246   -3.496  1.00 54.78  ? 517 HIS A NE2 1 
ATOM   117 N  N   . PHE A 1 23 ? -7.641  2.177   -1.800  1.00 40.82  ? 518 PHE A N   1 
ATOM   118 C  CA  . PHE A 1 23 ? -6.564  2.034   -0.838  1.00 43.30  ? 518 PHE A CA  1 
ATOM   119 C  C   . PHE A 1 23 ? -5.478  1.163   -1.444  1.00 42.78  ? 518 PHE A C   1 
ATOM   120 O  O   . PHE A 1 23 ? -5.612  0.643   -2.553  1.00 46.60  ? 518 PHE A O   1 
ATOM   121 C  CB  . PHE A 1 23 ? -7.071  1.455   0.488   1.00 40.06  ? 518 PHE A CB  1 
ATOM   122 C  CG  . PHE A 1 23 ? -7.819  0.155   0.350   1.00 45.42  ? 518 PHE A CG  1 
ATOM   123 C  CD1 . PHE A 1 23 ? -9.162  0.139   0.002   1.00 44.13  ? 518 PHE A CD1 1 
ATOM   124 C  CD2 . PHE A 1 23 ? -7.184  -1.047  0.601   1.00 42.02  ? 518 PHE A CD2 1 
ATOM   125 C  CE1 . PHE A 1 23 ? -9.851  -1.059  -0.113  1.00 46.99  ? 518 PHE A CE1 1 
ATOM   126 C  CE2 . PHE A 1 23 ? -7.867  -2.245  0.494   1.00 44.64  ? 518 PHE A CE2 1 
ATOM   127 C  CZ  . PHE A 1 23 ? -9.201  -2.252  0.136   1.00 45.09  ? 518 PHE A CZ  1 
ATOM   128 N  N   . VAL A 1 24 ? -4.392  1.026   -0.702  1.00 41.47  ? 519 VAL A N   1 
ATOM   129 C  CA  . VAL A 1 24 ? -3.297  0.146   -1.079  1.00 42.72  ? 519 VAL A CA  1 
ATOM   130 C  C   . VAL A 1 24 ? -3.404  -1.136  -0.268  1.00 40.69  ? 519 VAL A C   1 
ATOM   131 O  O   . VAL A 1 24 ? -3.542  -1.095  0.959   1.00 42.49  ? 519 VAL A O   1 
ATOM   132 C  CB  . VAL A 1 24 ? -1.941  0.838   -0.865  1.00 43.98  ? 519 VAL A CB  1 
ATOM   133 C  CG1 . VAL A 1 24 ? -0.805  -0.152  -1.062  1.00 43.03  ? 519 VAL A CG1 1 
ATOM   134 C  CG2 . VAL A 1 24 ? -1.799  2.008   -1.825  1.00 54.34  ? 519 VAL A CG2 1 
ATOM   135 N  N   . GLN A 1 25 ? -3.355  -2.274  -0.953  1.00 41.50  ? 520 GLN A N   1 
ATOM   136 C  CA  . GLN A 1 25 ? -3.439  -3.586  -0.323  1.00 39.84  ? 520 GLN A CA  1 
ATOM   137 C  C   . GLN A 1 25 ? -2.139  -4.340  -0.553  1.00 37.16  ? 520 GLN A C   1 
ATOM   138 O  O   . GLN A 1 25 ? -1.788  -4.646  -1.699  1.00 40.55  ? 520 GLN A O   1 
ATOM   139 C  CB  . GLN A 1 25 ? -4.618  -4.395  -0.865  1.00 41.76  ? 520 GLN A CB  1 
ATOM   140 C  CG  . GLN A 1 25 ? -4.585  -5.862  -0.444  1.00 40.88  ? 520 GLN A CG  1 
ATOM   141 C  CD  . GLN A 1 25 ? -4.843  -6.057  1.044   1.00 40.97  ? 520 GLN A CD  1 
ATOM   142 O  OE1 . GLN A 1 25 ? -5.958  -5.847  1.522   1.00 34.08  ? 520 GLN A OE1 1 
ATOM   143 N  NE2 . GLN A 1 25 ? -3.812  -6.468  1.780   1.00 36.89  ? 520 GLN A NE2 1 
ATOM   144 N  N   . CYS A 1 26 ? -1.432  -4.627  0.536   1.00 42.00  ? 521 CYS A N   1 
ATOM   145 C  CA  . CYS A 1 26 ? -0.241  -5.466  0.486   1.00 46.43  ? 521 CYS A CA  1 
ATOM   146 C  C   . CYS A 1 26 ? -0.592  -6.820  -0.133  1.00 45.75  ? 521 CYS A C   1 
ATOM   147 O  O   . CYS A 1 26 ? -1.580  -7.444  0.279   1.00 39.64  ? 521 CYS A O   1 
ATOM   148 C  CB  . CYS A 1 26 ? 0.301   -5.637  1.905   1.00 48.52  ? 521 CYS A CB  1 
ATOM   149 S  SG  . CYS A 1 26 ? 1.741   -6.703  2.167   1.00 51.01  ? 521 CYS A SG  1 
ATOM   150 N  N   . PRO A 1 27 ? 0.156   -7.288  -1.140  1.00 50.83  ? 522 PRO A N   1 
ATOM   151 C  CA  . PRO A 1 27 ? -0.221  -8.553  -1.791  1.00 50.61  ? 522 PRO A CA  1 
ATOM   152 C  C   . PRO A 1 27 ? -0.051  -9.774  -0.898  1.00 60.10  ? 522 PRO A C   1 
ATOM   153 O  O   . PRO A 1 27 ? -0.710  -10.794 -1.137  1.00 63.71  ? 522 PRO A O   1 
ATOM   154 C  CB  . PRO A 1 27 ? 0.712   -8.616  -3.011  1.00 53.43  ? 522 PRO A CB  1 
ATOM   155 C  CG  . PRO A 1 27 ? 1.149   -7.189  -3.242  1.00 56.01  ? 522 PRO A CG  1 
ATOM   156 C  CD  . PRO A 1 27 ? 1.254   -6.613  -1.851  1.00 48.63  ? 522 PRO A CD  1 
ATOM   157 N  N   . SER A 1 28 ? 0.797   -9.707  0.127   1.00 56.38  ? 523 SER A N   1 
ATOM   158 C  CA  . SER A 1 28 ? 1.041   -10.852 0.998   1.00 57.61  ? 523 SER A CA  1 
ATOM   159 C  C   . SER A 1 28 ? 0.217   -10.793 2.282   1.00 60.44  ? 523 SER A C   1 
ATOM   160 O  O   . SER A 1 28 ? -0.552  -11.719 2.560   1.00 61.15  ? 523 SER A O   1 
ATOM   161 C  CB  . SER A 1 28 ? 2.538   -10.969 1.322   1.00 58.01  ? 523 SER A CB  1 
ATOM   162 O  OG  . SER A 1 28 ? 3.197   -9.723  1.212   1.00 60.10  ? 523 SER A OG  1 
ATOM   163 N  N   . VAL A 1 29 ? 0.365   -9.737  3.073   1.00 57.85  ? 524 VAL A N   1 
ATOM   164 C  CA  . VAL A 1 29 ? -0.288  -9.636  4.380   1.00 49.54  ? 524 VAL A CA  1 
ATOM   165 C  C   . VAL A 1 29 ? -1.662  -9.011  4.171   1.00 51.41  ? 524 VAL A C   1 
ATOM   166 O  O   . VAL A 1 29 ? -1.742  -7.828  3.793   1.00 54.06  ? 524 VAL A O   1 
ATOM   167 C  CB  . VAL A 1 29 ? 0.550   -8.814  5.368   1.00 51.90  ? 524 VAL A CB  1 
ATOM   168 C  CG1 . VAL A 1 29 ? -0.139  -8.759  6.725   1.00 43.88  ? 524 VAL A CG1 1 
ATOM   169 C  CG2 . VAL A 1 29 ? 1.952   -9.387  5.492   1.00 53.62  ? 524 VAL A CG2 1 
ATOM   170 N  N   . PRO A 1 30 ? -2.759  -9.745  4.397   1.00 42.46  ? 525 PRO A N   1 
ATOM   171 C  CA  . PRO A 1 30 ? -4.087  -9.144  4.186   1.00 43.91  ? 525 PRO A CA  1 
ATOM   172 C  C   . PRO A 1 30 ? -4.388  -7.967  5.098   1.00 50.11  ? 525 PRO A C   1 
ATOM   173 O  O   . PRO A 1 30 ? -5.039  -7.010  4.655   1.00 51.56  ? 525 PRO A O   1 
ATOM   174 C  CB  . PRO A 1 30 ? -5.045  -10.322 4.440   1.00 50.08  ? 525 PRO A CB  1 
ATOM   175 C  CG  . PRO A 1 30 ? -4.233  -11.534 4.144   1.00 49.46  ? 525 PRO A CG  1 
ATOM   176 C  CD  . PRO A 1 30 ? -2.840  -11.203 4.610   1.00 47.08  ? 525 PRO A CD  1 
ATOM   177 N  N   . SER A 1 31 ? -3.943  -7.996  6.357   1.00 46.18  ? 526 SER A N   1 
ATOM   178 C  CA  . SER A 1 31 ? -4.258  -6.906  7.273   1.00 35.91  ? 526 SER A CA  1 
ATOM   179 C  C   . SER A 1 31 ? -3.396  -5.664  7.046   1.00 41.55  ? 526 SER A C   1 
ATOM   180 O  O   . SER A 1 31 ? -3.514  -4.699  7.813   1.00 48.50  ? 526 SER A O   1 
ATOM   181 C  CB  . SER A 1 31 ? -4.136  -7.388  8.726   1.00 41.87  ? 526 SER A CB  1 
ATOM   182 O  OG  . SER A 1 31 ? -2.854  -7.935  8.986   1.00 42.09  ? 526 SER A OG  1 
ATOM   183 N  N   . HIS A 1 32 ? -2.556  -5.646  6.006   1.00 39.48  ? 527 HIS A N   1 
ATOM   184 C  CA  . HIS A 1 32 ? -1.804  -4.445  5.634   1.00 41.27  ? 527 HIS A CA  1 
ATOM   185 C  C   . HIS A 1 32 ? -2.607  -3.650  4.601   1.00 39.91  ? 527 HIS A C   1 
ATOM   186 O  O   . HIS A 1 32 ? -2.347  -3.693  3.395   1.00 33.33  ? 527 HIS A O   1 
ATOM   187 C  CB  . HIS A 1 32 ? -0.432  -4.812  5.075   1.00 43.88  ? 527 HIS A CB  1 
ATOM   188 C  CG  . HIS A 1 32 ? 0.587   -5.207  6.094   1.00 46.34  ? 527 HIS A CG  1 
ATOM   189 N  ND1 . HIS A 1 32 ? 1.767   -5.832  5.747   1.00 56.91  ? 527 HIS A ND1 1 
ATOM   190 C  CD2 . HIS A 1 32 ? 0.620   -5.058  7.438   1.00 50.84  ? 527 HIS A CD2 1 
ATOM   191 C  CE1 . HIS A 1 32 ? 2.472   -6.072  6.839   1.00 57.68  ? 527 HIS A CE1 1 
ATOM   192 N  NE2 . HIS A 1 32 ? 1.800   -5.611  7.878   1.00 48.63  ? 527 HIS A NE2 1 
ATOM   193 N  N   . LYS A 1 33 ? -3.597  -2.906  5.090   1.00 38.85  ? 528 LYS A N   1 
ATOM   194 C  CA  . LYS A 1 33 ? -4.312  -1.921  4.287   1.00 39.16  ? 528 LYS A CA  1 
ATOM   195 C  C   . LYS A 1 33 ? -3.871  -0.514  4.671   1.00 47.14  ? 528 LYS A C   1 
ATOM   196 O  O   . LYS A 1 33 ? -3.629  -0.228  5.849   1.00 38.66  ? 528 LYS A O   1 
ATOM   197 C  CB  . LYS A 1 33 ? -5.828  -2.056  4.459   1.00 35.19  ? 528 LYS A CB  1 
ATOM   198 C  CG  . LYS A 1 33 ? -6.387  -3.303  3.802   1.00 41.42  ? 528 LYS A CG  1 
ATOM   199 C  CD  . LYS A 1 33 ? -7.862  -3.462  4.067   1.00 43.19  ? 528 LYS A CD  1 
ATOM   200 C  CE  . LYS A 1 33 ? -8.154  -4.891  4.473   1.00 52.88  ? 528 LYS A CE  1 
ATOM   201 N  NZ  . LYS A 1 33 ? -7.589  -5.851  3.491   1.00 46.91  ? 528 LYS A NZ  1 
ATOM   202 N  N   . PHE A 1 34 ? -3.765  0.361   3.671   1.00 40.46  ? 529 PHE A N   1 
ATOM   203 C  CA  . PHE A 1 34 ? -3.256  1.713   3.859   1.00 42.95  ? 529 PHE A CA  1 
ATOM   204 C  C   . PHE A 1 34 ? -4.077  2.689   3.032   1.00 47.68  ? 529 PHE A C   1 
ATOM   205 O  O   . PHE A 1 34 ? -4.307  2.452   1.845   1.00 35.52  ? 529 PHE A O   1 
ATOM   206 C  CB  . PHE A 1 34 ? -1.777  1.823   3.459   1.00 43.66  ? 529 PHE A CB  1 
ATOM   207 C  CG  . PHE A 1 34 ? -0.916  0.682   3.933   1.00 48.87  ? 529 PHE A CG  1 
ATOM   208 C  CD1 . PHE A 1 34 ? -0.406  0.671   5.222   1.00 48.73  ? 529 PHE A CD1 1 
ATOM   209 C  CD2 . PHE A 1 34 ? -0.611  -0.368  3.081   1.00 42.40  ? 529 PHE A CD2 1 
ATOM   210 C  CE1 . PHE A 1 34 ? 0.392   -0.379  5.658   1.00 50.60  ? 529 PHE A CE1 1 
ATOM   211 C  CE2 . PHE A 1 34 ? 0.184   -1.418  3.508   1.00 44.50  ? 529 PHE A CE2 1 
ATOM   212 C  CZ  . PHE A 1 34 ? 0.685   -1.423  4.801   1.00 57.59  ? 529 PHE A CZ  1 
ATOM   213 N  N   . CYS A 1 35 ? -4.505  3.787   3.651   1.00 42.36  ? 530 CYS A N   1 
ATOM   214 C  CA  . CYS A 1 35 ? -5.172  4.830   2.894   1.00 48.42  ? 530 CYS A CA  1 
ATOM   215 C  C   . CYS A 1 35 ? -4.177  5.513   1.961   1.00 43.03  ? 530 CYS A C   1 
ATOM   216 O  O   . CYS A 1 35 ? -2.959  5.371   2.089   1.00 39.82  ? 530 CYS A O   1 
ATOM   217 C  CB  . CYS A 1 35 ? -5.808  5.860   3.826   1.00 52.61  ? 530 CYS A CB  1 
ATOM   218 S  SG  . CYS A 1 35 ? -4.618  6.712   4.876   1.00 55.40  ? 530 CYS A SG  1 
ATOM   219 N  N   . PHE A 1 36 ? -4.706  6.267   1.001   1.00 46.53  ? 531 PHE A N   1 
ATOM   220 C  CA  . PHE A 1 36 ? -3.809  6.962   0.080   1.00 59.81  ? 531 PHE A CA  1 
ATOM   221 C  C   . PHE A 1 36 ? -2.904  7.964   0.791   1.00 55.43  ? 531 PHE A C   1 
ATOM   222 O  O   . PHE A 1 36 ? -1.693  7.970   0.509   1.00 57.21  ? 531 PHE A O   1 
ATOM   223 C  CB  . PHE A 1 36 ? -4.614  7.599   -1.054  1.00 48.89  ? 531 PHE A CB  1 
ATOM   224 C  CG  . PHE A 1 36 ? -4.714  6.724   -2.268  1.00 54.12  ? 531 PHE A CG  1 
ATOM   225 C  CD1 . PHE A 1 36 ? -5.067  5.394   -2.138  1.00 57.66  ? 531 PHE A CD1 1 
ATOM   226 C  CD2 . PHE A 1 36 ? -4.438  7.222   -3.529  1.00 61.14  ? 531 PHE A CD2 1 
ATOM   227 C  CE1 . PHE A 1 36 ? -5.153  4.573   -3.239  1.00 55.20  ? 531 PHE A CE1 1 
ATOM   228 C  CE2 . PHE A 1 36 ? -4.528  6.406   -4.641  1.00 59.53  ? 531 PHE A CE2 1 
ATOM   229 C  CZ  . PHE A 1 36 ? -4.887  5.081   -4.495  1.00 65.10  ? 531 PHE A CZ  1 
ATOM   230 N  N   . PRO A 1 37 ? -3.391  8.806   1.716   1.00 58.93  ? 532 PRO A N   1 
ATOM   231 C  CA  . PRO A 1 37 ? -2.455  9.678   2.451   1.00 57.04  ? 532 PRO A CA  1 
ATOM   232 C  C   . PRO A 1 37 ? -1.323  8.929   3.128   1.00 55.78  ? 532 PRO A C   1 
ATOM   233 O  O   . PRO A 1 37 ? -0.165  9.341   3.002   1.00 58.32  ? 532 PRO A O   1 
ATOM   234 C  CB  . PRO A 1 37 ? -3.374  10.380  3.457   1.00 48.94  ? 532 PRO A CB  1 
ATOM   235 C  CG  . PRO A 1 37 ? -4.658  10.475  2.747   1.00 58.85  ? 532 PRO A CG  1 
ATOM   236 C  CD  . PRO A 1 37 ? -4.793  9.167   2.008   1.00 58.17  ? 532 PRO A CD  1 
ATOM   237 N  N   . CYS A 1 38 ? -1.616  7.829   3.829   1.00 57.18  ? 533 CYS A N   1 
ATOM   238 C  CA  . CYS A 1 38 ? -0.547  7.071   4.475   1.00 59.05  ? 533 CYS A CA  1 
ATOM   239 C  C   . CYS A 1 38 ? 0.403   6.462   3.445   1.00 57.85  ? 533 CYS A C   1 
ATOM   240 O  O   . CYS A 1 38 ? 1.616   6.398   3.674   1.00 57.55  ? 533 CYS A O   1 
ATOM   241 C  CB  . CYS A 1 38 ? -1.131  5.981   5.382   1.00 63.76  ? 533 CYS A CB  1 
ATOM   242 S  SG  . CYS A 1 38 ? -1.721  6.536   7.024   1.00 63.65  ? 533 CYS A SG  1 
ATOM   243 N  N   . SER A 1 39 ? -0.127  5.999   2.308   1.00 63.55  ? 534 SER A N   1 
ATOM   244 C  CA  . SER A 1 39 ? 0.752   5.497   1.253   1.00 59.79  ? 534 SER A CA  1 
ATOM   245 C  C   . SER A 1 39 ? 1.618   6.612   0.683   1.00 57.41  ? 534 SER A C   1 
ATOM   246 O  O   . SER A 1 39 ? 2.795   6.389   0.379   1.00 60.89  ? 534 SER A O   1 
ATOM   247 C  CB  . SER A 1 39 ? -0.072  4.842   0.143   1.00 57.44  ? 534 SER A CB  1 
ATOM   248 O  OG  . SER A 1 39 ? -0.889  3.803   0.655   1.00 52.54  ? 534 SER A OG  1 
ATOM   249 N  N   . ARG A 1 40 ? 1.056   7.817   0.557   1.00 62.14  ? 535 ARG A N   1 
ATOM   250 C  CA  . ARG A 1 40 ? 1.808   8.958   0.045   1.00 66.25  ? 535 ARG A CA  1 
ATOM   251 C  C   . ARG A 1 40 ? 2.957   9.336   0.977   1.00 75.64  ? 535 ARG A C   1 
ATOM   252 O  O   . ARG A 1 40 ? 4.024   9.758   0.516   1.00 78.90  ? 535 ARG A O   1 
ATOM   253 C  CB  . ARG A 1 40 ? 0.856   10.135  -0.147  1.00 64.69  ? 535 ARG A CB  1 
ATOM   254 C  CG  . ARG A 1 40 ? 1.362   11.228  -1.051  1.00 56.76  ? 535 ARG A CG  1 
ATOM   255 C  CD  . ARG A 1 40 ? 0.216   11.816  -1.850  1.00 72.16  ? 535 ARG A CD  1 
ATOM   256 N  NE  . ARG A 1 40 ? -0.958  12.086  -1.030  1.00 66.25  ? 535 ARG A NE  1 
ATOM   257 C  CZ  . ARG A 1 40 ? -2.081  11.382  -1.073  1.00 70.00  ? 535 ARG A CZ  1 
ATOM   258 N  NH1 . ARG A 1 40 ? -2.207  10.327  -1.864  1.00 68.87  ? 535 ARG A NH1 1 
ATOM   259 N  NH2 . ARG A 1 40 ? -3.108  11.749  -0.309  1.00 77.03  ? 535 ARG A NH2 1 
ATOM   260 N  N   . GLN A 1 41 ? 2.754   9.189   2.292   1.00 79.15  ? 536 GLN A N   1 
ATOM   261 C  CA  . GLN A 1 41 ? 3.803   9.523   3.251   1.00 80.65  ? 536 GLN A CA  1 
ATOM   262 C  C   . GLN A 1 41 ? 4.930   8.505   3.210   1.00 82.36  ? 536 GLN A C   1 
ATOM   263 O  O   . GLN A 1 41 ? 6.098   8.853   3.425   1.00 87.72  ? 536 GLN A O   1 
ATOM   264 C  CB  . GLN A 1 41 ? 3.221   9.608   4.662   1.00 86.92  ? 536 GLN A CB  1 
ATOM   265 C  CG  . GLN A 1 41 ? 4.110   10.316  5.683   1.00 88.74  ? 536 GLN A CG  1 
ATOM   266 C  CD  . GLN A 1 41 ? 4.054   11.832  5.554   1.00 90.72  ? 536 GLN A CD  1 
ATOM   267 O  OE1 . GLN A 1 41 ? 3.355   12.368  4.693   1.00 86.76  ? 536 GLN A OE1 1 
ATOM   268 N  NE2 . GLN A 1 41 ? 4.791   12.529  6.413   1.00 89.53  ? 536 GLN A NE2 1 
ATOM   269 N  N   . SER A 1 42 ? 4.599   7.237   2.955   1.00 75.24  ? 537 SER A N   1 
ATOM   270 C  CA  . SER A 1 42 ? 5.639   6.218   2.875   1.00 76.84  ? 537 SER A CA  1 
ATOM   271 C  C   . SER A 1 42 ? 6.434   6.335   1.584   1.00 74.70  ? 537 SER A C   1 
ATOM   272 O  O   . SER A 1 42 ? 7.644   6.096   1.581   1.00 81.30  ? 537 SER A O   1 
ATOM   273 C  CB  . SER A 1 42 ? 5.020   4.823   3.002   1.00 65.57  ? 537 SER A CB  1 
ATOM   274 O  OG  . SER A 1 42 ? 6.008   3.816   2.861   1.00 57.36  ? 537 SER A OG  1 
ATOM   275 N  N   . ILE A 1 43 ? 5.778   6.718   0.490   1.00 69.99  ? 538 ILE A N   1 
ATOM   276 C  CA  . ILE A 1 43 ? 6.479   6.879   -0.780  1.00 75.30  ? 538 ILE A CA  1 
ATOM   277 C  C   . ILE A 1 43 ? 7.453   8.047   -0.707  1.00 83.74  ? 538 ILE A C   1 
ATOM   278 O  O   . ILE A 1 43 ? 8.641   7.905   -1.028  1.00 82.44  ? 538 ILE A O   1 
ATOM   279 C  CB  . ILE A 1 43 ? 5.472   7.061   -1.926  1.00 67.51  ? 538 ILE A CB  1 
ATOM   280 C  CG1 . ILE A 1 43 ? 4.660   5.781   -2.122  1.00 65.62  ? 538 ILE A CG1 1 
ATOM   281 C  CG2 . ILE A 1 43 ? 6.193   7.468   -3.207  1.00 69.47  ? 538 ILE A CG2 1 
ATOM   282 C  CD1 . ILE A 1 43 ? 3.413   5.979   -2.940  1.00 65.29  ? 538 ILE A CD1 1 
ATOM   283 N  N   . LYS A 1 44 ? 6.965   9.218   -0.287  1.00 83.93  ? 539 LYS A N   1 
ATOM   284 C  CA  . LYS A 1 44 ? 7.822   10.397  -0.207  1.00 79.40  ? 539 LYS A CA  1 
ATOM   285 C  C   . LYS A 1 44 ? 9.017   10.156  0.711   1.00 78.25  ? 539 LYS A C   1 
ATOM   286 O  O   . LYS A 1 44 ? 10.115  10.658  0.451   1.00 79.78  ? 539 LYS A O   1 
ATOM   287 C  CB  . LYS A 1 44 ? 7.013   11.607  0.265   1.00 75.37  ? 539 LYS A CB  1 
ATOM   288 N  N   . GLN A 1 45 ? 8.835   9.367   1.775   1.00 75.04  ? 540 GLN A N   1 
ATOM   289 C  CA  . GLN A 1 45 ? 9.952   9.120   2.682   1.00 73.90  ? 540 GLN A CA  1 
ATOM   290 C  C   . GLN A 1 45 ? 10.885  8.031   2.158   1.00 76.52  ? 540 GLN A C   1 
ATOM   291 O  O   . GLN A 1 45 ? 12.097  8.102   2.382   1.00 84.21  ? 540 GLN A O   1 
ATOM   292 C  CB  . GLN A 1 45 ? 9.434   8.763   4.084   1.00 77.86  ? 540 GLN A CB  1 
ATOM   293 C  CG  . GLN A 1 45 ? 9.345   7.268   4.412   1.00 84.96  ? 540 GLN A CG  1 
ATOM   294 C  CD  . GLN A 1 45 ? 10.664  6.665   4.911   1.00 87.53  ? 540 GLN A CD  1 
ATOM   295 O  OE1 . GLN A 1 45 ? 11.636  7.378   5.158   1.00 90.55  ? 540 GLN A OE1 1 
ATOM   296 N  NE2 . GLN A 1 45 ? 10.694  5.343   5.051   1.00 81.40  ? 540 GLN A NE2 1 
ATOM   297 N  N   . GLN A 1 46 ? 10.351  7.023   1.459   1.00 81.79  ? 541 GLN A N   1 
ATOM   298 C  CA  . GLN A 1 46 ? 11.181  5.895   1.042   1.00 81.76  ? 541 GLN A CA  1 
ATOM   299 C  C   . GLN A 1 46 ? 11.955  6.181   -0.238  1.00 85.00  ? 541 GLN A C   1 
ATOM   300 O  O   . GLN A 1 46 ? 13.056  5.647   -0.420  1.00 91.61  ? 541 GLN A O   1 
ATOM   301 C  CB  . GLN A 1 46 ? 10.323  4.640   0.849   1.00 78.67  ? 541 GLN A CB  1 
ATOM   302 C  CG  . GLN A 1 46 ? 9.888   3.978   2.135   1.00 68.01  ? 541 GLN A CG  1 
ATOM   303 C  CD  . GLN A 1 46 ? 9.329   2.596   1.896   1.00 71.64  ? 541 GLN A CD  1 
ATOM   304 O  OE1 . GLN A 1 46 ? 10.077  1.633   1.736   1.00 76.54  ? 541 GLN A OE1 1 
ATOM   305 N  NE2 . GLN A 1 46 ? 8.006   2.492   1.865   1.00 62.19  ? 541 GLN A NE2 1 
ATOM   306 N  N   . GLY A 1 47 ? 11.404  7.002   -1.127  1.00 75.62  ? 542 GLY A N   1 
ATOM   307 C  CA  . GLY A 1 47 ? 12.074  7.326   -2.374  1.00 77.07  ? 542 GLY A CA  1 
ATOM   308 C  C   . GLY A 1 47 ? 11.123  7.604   -3.521  1.00 80.54  ? 542 GLY A C   1 
ATOM   309 O  O   . GLY A 1 47 ? 10.410  8.608   -3.521  1.00 76.97  ? 542 GLY A O   1 
ATOM   310 N  N   . VAL A 1 52 ? 10.316  1.866   -2.922  1.00 69.93  ? 547 VAL A N   1 
ATOM   311 C  CA  . VAL A 1 52 ? 9.237   1.950   -1.941  1.00 66.97  ? 547 VAL A CA  1 
ATOM   312 C  C   . VAL A 1 52 ? 8.595   0.586   -1.739  1.00 62.59  ? 547 VAL A C   1 
ATOM   313 O  O   . VAL A 1 52 ? 7.877   0.090   -2.607  1.00 58.10  ? 547 VAL A O   1 
ATOM   314 C  CB  . VAL A 1 52 ? 8.184   2.986   -2.363  1.00 58.21  ? 547 VAL A CB  1 
ATOM   315 C  CG1 . VAL A 1 52 ? 7.205   3.237   -1.226  1.00 65.68  ? 547 VAL A CG1 1 
ATOM   316 C  CG2 . VAL A 1 52 ? 8.852   4.276   -2.791  1.00 62.60  ? 547 VAL A CG2 1 
ATOM   317 N  N   . TYR A 1 53 ? 8.854   -0.024  -0.590  1.00 61.68  ? 548 TYR A N   1 
ATOM   318 C  CA  . TYR A 1 53 ? 8.296   -1.322  -0.256  1.00 59.90  ? 548 TYR A CA  1 
ATOM   319 C  C   . TYR A 1 53 ? 7.025   -1.121  0.574   1.00 57.66  ? 548 TYR A C   1 
ATOM   320 O  O   . TYR A 1 53 ? 6.453   -0.026  0.614   1.00 55.46  ? 548 TYR A O   1 
ATOM   321 C  CB  . TYR A 1 53 ? 9.346   -2.171  0.459   1.00 61.98  ? 548 TYR A CB  1 
ATOM   322 N  N   . CYS A 1 54 ? 6.573   -2.185  1.237   1.00 53.20  ? 549 CYS A N   1 
ATOM   323 C  CA  . CYS A 1 54 ? 5.282   -2.160  1.911   1.00 54.63  ? 549 CYS A CA  1 
ATOM   324 C  C   . CYS A 1 54 ? 5.250   -1.072  2.978   1.00 62.88  ? 549 CYS A C   1 
ATOM   325 O  O   . CYS A 1 54 ? 6.148   -1.023  3.832   1.00 64.04  ? 549 CYS A O   1 
ATOM   326 C  CB  . CYS A 1 54 ? 4.975   -3.514  2.542   1.00 50.21  ? 549 CYS A CB  1 
ATOM   327 S  SG  . CYS A 1 54 ? 3.414   -3.513  3.431   1.00 53.32  ? 549 CYS A SG  1 
ATOM   328 N  N   . PRO A 1 55 ? 4.243   -0.190  2.978   1.00 55.88  ? 550 PRO A N   1 
ATOM   329 C  CA  . PRO A 1 55 ? 4.216   0.887   3.981   1.00 54.96  ? 550 PRO A CA  1 
ATOM   330 C  C   . PRO A 1 55 ? 4.217   0.378   5.403   1.00 59.34  ? 550 PRO A C   1 
ATOM   331 O  O   . PRO A 1 55 ? 4.516   1.154   6.315   1.00 68.89  ? 550 PRO A O   1 
ATOM   332 C  CB  . PRO A 1 55 ? 2.921   1.647   3.658   1.00 48.84  ? 550 PRO A CB  1 
ATOM   333 C  CG  . PRO A 1 55 ? 2.643   1.325   2.230   1.00 50.13  ? 550 PRO A CG  1 
ATOM   334 C  CD  . PRO A 1 55 ? 3.097   -0.101  2.057   1.00 50.25  ? 550 PRO A CD  1 
ATOM   335 N  N   . SER A 1 56 ? 3.914   -0.903  5.627   1.00 62.57  ? 551 SER A N   1 
ATOM   336 C  CA  . SER A 1 56 ? 4.041   -1.456  6.970   1.00 58.70  ? 551 SER A CA  1 
ATOM   337 C  C   . SER A 1 56 ? 5.488   -1.449  7.441   1.00 70.47  ? 551 SER A C   1 
ATOM   338 O  O   . SER A 1 56 ? 5.743   -1.423  8.650   1.00 72.36  ? 551 SER A O   1 
ATOM   339 C  CB  . SER A 1 56 ? 3.479   -2.876  7.025   1.00 59.71  ? 551 SER A CB  1 
ATOM   340 O  OG  . SER A 1 56 ? 3.161   -3.252  8.362   1.00 66.77  ? 551 SER A OG  1 
ATOM   341 N  N   . GLY A 1 57 ? 6.444   -1.458  6.513   1.00 68.23  ? 552 GLY A N   1 
ATOM   342 C  CA  . GLY A 1 57 ? 7.845   -1.518  6.864   1.00 59.15  ? 552 GLY A CA  1 
ATOM   343 C  C   . GLY A 1 57 ? 8.384   -2.915  7.042   1.00 62.94  ? 552 GLY A C   1 
ATOM   344 O  O   . GLY A 1 57 ? 9.605   -3.082  7.165   1.00 69.50  ? 552 GLY A O   1 
ATOM   345 N  N   . GLU A 1 58 ? 7.520   -3.925  7.059   1.00 57.92  ? 553 GLU A N   1 
ATOM   346 C  CA  . GLU A 1 58 ? 7.952   -5.313  7.145   1.00 60.35  ? 553 GLU A CA  1 
ATOM   347 C  C   . GLU A 1 58 ? 8.523   -5.842  5.830   1.00 72.30  ? 553 GLU A C   1 
ATOM   348 O  O   . GLU A 1 58 ? 8.845   -7.031  5.768   1.00 73.43  ? 553 GLU A O   1 
ATOM   349 C  CB  . GLU A 1 58 ? 6.788   -6.207  7.582   1.00 58.65  ? 553 GLU A CB  1 
ATOM   350 N  N   . LYS A 1 59 ? 8.629   -5.001  4.797   1.00 70.65  ? 554 LYS A N   1 
ATOM   351 C  CA  . LYS A 1 59 ? 9.149   -5.371  3.479   1.00 69.70  ? 554 LYS A CA  1 
ATOM   352 C  C   . LYS A 1 59 ? 8.573   -6.709  3.014   1.00 74.60  ? 554 LYS A C   1 
ATOM   353 O  O   . LYS A 1 59 ? 9.284   -7.684  2.762   1.00 77.01  ? 554 LYS A O   1 
ATOM   354 C  CB  . LYS A 1 59 ? 10.676  -5.410  3.475   1.00 69.52  ? 554 LYS A CB  1 
ATOM   355 N  N   . CYS A 1 60 ? 7.254   -6.728  2.891   1.00 65.93  ? 555 CYS A N   1 
ATOM   356 C  CA  . CYS A 1 60 ? 6.542   -7.948  2.583   1.00 70.37  ? 555 CYS A CA  1 
ATOM   357 C  C   . CYS A 1 60 ? 6.799   -8.383  1.138   1.00 71.42  ? 555 CYS A C   1 
ATOM   358 O  O   . CYS A 1 60 ? 7.049   -7.554  0.261   1.00 67.70  ? 555 CYS A O   1 
ATOM   359 C  CB  . CYS A 1 60 ? 5.058   -7.740  2.837   1.00 71.46  ? 555 CYS A CB  1 
ATOM   360 S  SG  . CYS A 1 60 ? 4.788   -6.847  4.383   1.00 65.90  ? 555 CYS A SG  1 
ATOM   361 N  N   . PRO A 1 61 ? 6.768   -9.691  0.872   1.00 71.90  ? 556 PRO A N   1 
ATOM   362 C  CA  . PRO A 1 61 ? 7.145   -10.192 -0.456  1.00 74.86  ? 556 PRO A CA  1 
ATOM   363 C  C   . PRO A 1 61 ? 5.963   -10.385 -1.391  1.00 77.76  ? 556 PRO A C   1 
ATOM   364 O  O   . PRO A 1 61 ? 4.808   -10.174 -1.009  1.00 74.59  ? 556 PRO A O   1 
ATOM   365 C  CB  . PRO A 1 61 ? 7.805   -11.531 -0.128  1.00 80.00  ? 556 PRO A CB  1 
ATOM   366 C  CG  . PRO A 1 61 ? 6.997   -12.016 1.047   1.00 83.15  ? 556 PRO A CG  1 
ATOM   367 C  CD  . PRO A 1 61 ? 6.630   -10.784 1.850   1.00 76.18  ? 556 PRO A CD  1 
ATOM   368 N  N   . LEU A 1 62 ? 6.255   -10.811 -2.616  1.00 72.92  ? 557 LEU A N   1 
ATOM   369 C  CA  . LEU A 1 62 ? 5.255   -11.027 -3.649  1.00 78.00  ? 557 LEU A CA  1 
ATOM   370 C  C   . LEU A 1 62 ? 4.497   -12.330 -3.404  1.00 75.90  ? 557 LEU A C   1 
ATOM   371 O  O   . LEU A 1 62 ? 4.814   -13.109 -2.504  1.00 80.68  ? 557 LEU A O   1 
ATOM   372 C  CB  . LEU A 1 62 ? 5.908   -11.049 -5.026  1.00 79.73  ? 557 LEU A CB  1 
ATOM   373 C  CG  . LEU A 1 62 ? 6.529   -9.743  -5.519  1.00 73.11  ? 557 LEU A CG  1 
ATOM   374 C  CD1 . LEU A 1 62 ? 7.595   -10.030 -6.561  1.00 73.23  ? 557 LEU A CD1 1 
ATOM   375 C  CD2 . LEU A 1 62 ? 5.441   -8.850  -6.087  1.00 62.32  ? 557 LEU A CD2 1 
ATOM   376 N  N   . VAL A 1 63 ? 3.485   -12.567 -4.233  1.00 76.68  ? 558 VAL A N   1 
ATOM   377 C  CA  . VAL A 1 63 ? 2.679   -13.781 -4.137  1.00 76.32  ? 558 VAL A CA  1 
ATOM   378 C  C   . VAL A 1 63 ? 3.406   -14.966 -4.765  1.00 80.43  ? 558 VAL A C   1 
ATOM   379 O  O   . VAL A 1 63 ? 4.023   -14.841 -5.822  1.00 79.34  ? 558 VAL A O   1 
ATOM   380 C  CB  . VAL A 1 63 ? 1.299   -13.583 -4.791  1.00 74.58  ? 558 VAL A CB  1 
ATOM   381 C  CG1 . VAL A 1 63 ? 0.594   -14.918 -4.955  1.00 62.81  ? 558 VAL A CG1 1 
ATOM   382 C  CG2 . VAL A 1 63 ? 0.450   -12.628 -3.956  1.00 69.82  ? 558 VAL A CG2 1 
ATOM   383 N  N   . SER A 1 65 ? 6.348   -16.075 -3.827  1.00 84.72  ? 560 SER A N   1 
ATOM   384 C  CA  . SER A 1 65 ? 7.806   -16.048 -3.765  1.00 88.29  ? 560 SER A CA  1 
ATOM   385 C  C   . SER A 1 65 ? 8.301   -15.429 -2.455  1.00 90.57  ? 560 SER A C   1 
ATOM   386 O  O   . SER A 1 65 ? 7.599   -15.446 -1.443  1.00 89.64  ? 560 SER A O   1 
ATOM   387 C  CB  . SER A 1 65 ? 8.377   -15.276 -4.955  1.00 84.24  ? 560 SER A CB  1 
ATOM   388 O  OG  . SER A 1 65 ? 8.728   -13.955 -4.581  1.00 82.05  ? 560 SER A OG  1 
ATOM   389 N  N   . ASN A 1 66 ? 9.522   -14.886 -2.488  1.00 91.72  ? 561 ASN A N   1 
ATOM   390 C  CA  . ASN A 1 66 ? 10.111  -14.220 -1.335  1.00 88.06  ? 561 ASN A CA  1 
ATOM   391 C  C   . ASN A 1 66 ? 10.667  -12.837 -1.639  1.00 91.96  ? 561 ASN A C   1 
ATOM   392 O  O   . ASN A 1 66 ? 11.019  -12.119 -0.697  1.00 102.75 ? 561 ASN A O   1 
ATOM   393 C  CB  . ASN A 1 66 ? 11.235  -15.078 -0.731  1.00 93.02  ? 561 ASN A CB  1 
ATOM   394 N  N   . VAL A 1 67 ? 10.759  -12.439 -2.902  1.00 88.72  ? 562 VAL A N   1 
ATOM   395 C  CA  . VAL A 1 67 ? 11.285  -11.108 -3.231  1.00 86.82  ? 562 VAL A CA  1 
ATOM   396 C  C   . VAL A 1 67 ? 10.297  -10.047 -2.756  1.00 88.63  ? 562 VAL A C   1 
ATOM   397 O  O   . VAL A 1 67 ? 9.093   -10.147 -3.054  1.00 88.01  ? 562 VAL A O   1 
ATOM   398 C  CB  . VAL A 1 67 ? 11.539  -10.992 -4.735  1.00 81.31  ? 562 VAL A CB  1 
ATOM   399 N  N   . PRO A 1 68 ? 10.744  -9.024  -2.029  1.00 86.82  ? 563 PRO A N   1 
ATOM   400 C  CA  . PRO A 1 68 ? 9.801   -8.030  -1.495  1.00 80.41  ? 563 PRO A CA  1 
ATOM   401 C  C   . PRO A 1 68 ? 9.148   -7.212  -2.600  1.00 76.45  ? 563 PRO A C   1 
ATOM   402 O  O   . PRO A 1 68 ? 9.793   -6.820  -3.575  1.00 82.50  ? 563 PRO A O   1 
ATOM   403 C  CB  . PRO A 1 68 ? 10.685  -7.153  -0.599  1.00 82.41  ? 563 PRO A CB  1 
ATOM   404 C  CG  . PRO A 1 68 ? 12.070  -7.339  -1.138  1.00 84.63  ? 563 PRO A CG  1 
ATOM   405 C  CD  . PRO A 1 68 ? 12.130  -8.763  -1.602  1.00 87.52  ? 563 PRO A CD  1 
ATOM   406 N  N   . TRP A 1 69 ? 7.852   -6.958  -2.439  1.00 75.58  ? 564 TRP A N   1 
ATOM   407 C  CA  . TRP A 1 69 ? 7.129   -6.199  -3.445  1.00 61.13  ? 564 TRP A CA  1 
ATOM   408 C  C   . TRP A 1 69 ? 7.406   -4.712  -3.291  1.00 56.65  ? 564 TRP A C   1 
ATOM   409 O  O   . TRP A 1 69 ? 7.720   -4.221  -2.209  1.00 61.51  ? 564 TRP A O   1 
ATOM   410 C  CB  . TRP A 1 69 ? 5.624   -6.471  -3.368  1.00 63.21  ? 564 TRP A CB  1 
ATOM   411 C  CG  . TRP A 1 69 ? 4.895   -5.837  -2.206  1.00 64.95  ? 564 TRP A CG  1 
ATOM   412 C  CD1 . TRP A 1 69 ? 4.591   -6.421  -1.007  1.00 62.37  ? 564 TRP A CD1 1 
ATOM   413 C  CD2 . TRP A 1 69 ? 4.344   -4.513  -2.152  1.00 53.53  ? 564 TRP A CD2 1 
ATOM   414 N  NE1 . TRP A 1 69 ? 3.905   -5.540  -0.208  1.00 57.69  ? 564 TRP A NE1 1 
ATOM   415 C  CE2 . TRP A 1 69 ? 3.738   -4.363  -0.888  1.00 54.08  ? 564 TRP A CE2 1 
ATOM   416 C  CE3 . TRP A 1 69 ? 4.316   -3.437  -3.046  1.00 50.42  ? 564 TRP A CE3 1 
ATOM   417 C  CZ2 . TRP A 1 69 ? 3.106   -3.184  -0.499  1.00 50.94  ? 564 TRP A CZ2 1 
ATOM   418 C  CZ3 . TRP A 1 69 ? 3.690   -2.266  -2.658  1.00 50.56  ? 564 TRP A CZ3 1 
ATOM   419 C  CH2 . TRP A 1 69 ? 3.095   -2.149  -1.393  1.00 57.48  ? 564 TRP A CH2 1 
ATOM   420 N  N   . ALA A 1 70 ? 7.300   -3.994  -4.402  1.00 61.99  ? 565 ALA A N   1 
ATOM   421 C  CA  . ALA A 1 70 ? 7.501   -2.556  -4.378  1.00 54.01  ? 565 ALA A CA  1 
ATOM   422 C  C   . ALA A 1 70 ? 6.500   -1.908  -5.322  1.00 54.95  ? 565 ALA A C   1 
ATOM   423 O  O   . ALA A 1 70 ? 6.003   -2.543  -6.259  1.00 56.94  ? 565 ALA A O   1 
ATOM   424 C  CB  . ALA A 1 70 ? 8.935   -2.180  -4.766  1.00 60.39  ? 565 ALA A CB  1 
ATOM   425 N  N   . PHE A 1 71 ? 6.189   -0.642  -5.049  1.00 55.88  ? 566 PHE A N   1 
ATOM   426 C  CA  . PHE A 1 71 ? 5.267   0.096   -5.895  1.00 56.61  ? 566 PHE A CA  1 
ATOM   427 C  C   . PHE A 1 71 ? 5.863   0.262   -7.286  1.00 53.10  ? 566 PHE A C   1 
ATOM   428 O  O   . PHE A 1 71 ? 7.060   0.523   -7.441  1.00 56.83  ? 566 PHE A O   1 
ATOM   429 C  CB  . PHE A 1 71 ? 4.960   1.473   -5.297  1.00 58.46  ? 566 PHE A CB  1 
ATOM   430 C  CG  . PHE A 1 71 ? 4.153   1.435   -4.023  1.00 54.14  ? 566 PHE A CG  1 
ATOM   431 C  CD1 . PHE A 1 71 ? 4.775   1.296   -2.790  1.00 50.36  ? 566 PHE A CD1 1 
ATOM   432 C  CD2 . PHE A 1 71 ? 2.775   1.585   -4.056  1.00 48.38  ? 566 PHE A CD2 1 
ATOM   433 C  CE1 . PHE A 1 71 ? 4.033   1.284   -1.612  1.00 54.93  ? 566 PHE A CE1 1 
ATOM   434 C  CE2 . PHE A 1 71 ? 2.027   1.570   -2.885  1.00 54.67  ? 566 PHE A CE2 1 
ATOM   435 C  CZ  . PHE A 1 71 ? 2.655   1.420   -1.661  1.00 50.71  ? 566 PHE A CZ  1 
ATOM   436 N  N   . MET A 1 72 ? 5.028   0.078   -8.300  1.00 55.52  ? 567 MET A N   1 
ATOM   437 C  CA  . MET A 1 72 ? 5.394   0.447   -9.655  1.00 57.78  ? 567 MET A CA  1 
ATOM   438 C  C   . MET A 1 72 ? 5.307   1.961   -9.814  1.00 61.51  ? 567 MET A C   1 
ATOM   439 O  O   . MET A 1 72 ? 4.590   2.644   -9.079  1.00 61.32  ? 567 MET A O   1 
ATOM   440 C  CB  . MET A 1 72 ? 4.484   -0.245  -10.670 1.00 56.02  ? 567 MET A CB  1 
ATOM   441 C  CG  . MET A 1 72 ? 5.034   -1.542  -11.242 1.00 56.10  ? 567 MET A CG  1 
ATOM   442 S  SD  . MET A 1 72 ? 5.274   -2.854  -10.030 1.00 87.10  ? 567 MET A SD  1 
ATOM   443 C  CE  . MET A 1 72 ? 7.062   -2.941  -9.931  1.00 53.64  ? 567 MET A CE  1 
ATOM   444 N  N   . GLN A 1 73 ? 6.054   2.489   -10.785 1.00 63.76  ? 568 GLN A N   1 
ATOM   445 C  CA  . GLN A 1 73 ? 6.117   3.940   -10.940 1.00 64.59  ? 568 GLN A CA  1 
ATOM   446 C  C   . GLN A 1 73 ? 4.743   4.523   -11.242 1.00 55.40  ? 568 GLN A C   1 
ATOM   447 O  O   . GLN A 1 73 ? 4.405   5.612   -10.763 1.00 62.20  ? 568 GLN A O   1 
ATOM   448 C  CB  . GLN A 1 73 ? 7.120   4.312   -12.033 1.00 67.56  ? 568 GLN A CB  1 
ATOM   449 C  CG  . GLN A 1 73 ? 7.371   5.806   -12.147 1.00 68.86  ? 568 GLN A CG  1 
ATOM   450 C  CD  . GLN A 1 73 ? 7.481   6.473   -10.789 1.00 76.12  ? 568 GLN A CD  1 
ATOM   451 O  OE1 . GLN A 1 73 ? 6.694   7.361   -10.458 1.00 74.11  ? 568 GLN A OE1 1 
ATOM   452 N  NE2 . GLN A 1 73 ? 8.455   6.042   -9.989  1.00 74.55  ? 568 GLN A NE2 1 
ATOM   453 N  N   . GLY A 1 74 ? 3.929   3.806   -12.020 1.00 62.01  ? 569 GLY A N   1 
ATOM   454 C  CA  . GLY A 1 74 ? 2.586   4.279   -12.306 1.00 59.06  ? 569 GLY A CA  1 
ATOM   455 C  C   . GLY A 1 74 ? 1.676   4.271   -11.095 1.00 61.31  ? 569 GLY A C   1 
ATOM   456 O  O   . GLY A 1 74 ? 0.754   5.089   -11.003 1.00 58.80  ? 569 GLY A O   1 
ATOM   457 N  N   . GLU A 1 75 ? 1.908   3.346   -10.159 1.00 57.22  ? 570 GLU A N   1 
ATOM   458 C  CA  . GLU A 1 75 ? 1.146   3.348   -8.915  1.00 53.20  ? 570 GLU A CA  1 
ATOM   459 C  C   . GLU A 1 75 ? 1.549   4.521   -8.039  1.00 53.79  ? 570 GLU A C   1 
ATOM   460 O  O   . GLU A 1 75 ? 0.695   5.173   -7.425  1.00 48.49  ? 570 GLU A O   1 
ATOM   461 C  CB  . GLU A 1 75 ? 1.356   2.037   -8.166  1.00 52.07  ? 570 GLU A CB  1 
ATOM   462 C  CG  . GLU A 1 75 ? 0.678   0.866   -8.817  1.00 45.71  ? 570 GLU A CG  1 
ATOM   463 C  CD  . GLU A 1 75 ? 1.052   -0.435  -8.174  1.00 47.09  ? 570 GLU A CD  1 
ATOM   464 O  OE1 . GLU A 1 75 ? 2.225   -0.589  -7.772  1.00 57.18  ? 570 GLU A OE1 1 
ATOM   465 O  OE2 . GLU A 1 75 ? 0.165   -1.305  -8.055  1.00 55.15  ? 570 GLU A OE2 1 
ATOM   466 N  N   . ILE A 1 76 ? 2.852   4.799   -7.974  1.00 57.33  ? 571 ILE A N   1 
ATOM   467 C  CA  . ILE A 1 76 ? 3.357   5.922   -7.189  1.00 59.97  ? 571 ILE A CA  1 
ATOM   468 C  C   . ILE A 1 76 ? 2.735   7.223   -7.675  1.00 61.21  ? 571 ILE A C   1 
ATOM   469 O  O   . ILE A 1 76 ? 2.288   8.057   -6.878  1.00 69.30  ? 571 ILE A O   1 
ATOM   470 C  CB  . ILE A 1 76 ? 4.894   5.963   -7.262  1.00 64.71  ? 571 ILE A CB  1 
ATOM   471 C  CG1 . ILE A 1 76 ? 5.495   4.866   -6.379  1.00 55.46  ? 571 ILE A CG1 1 
ATOM   472 C  CG2 . ILE A 1 76 ? 5.418   7.345   -6.892  1.00 70.22  ? 571 ILE A CG2 1 
ATOM   473 C  CD1 . ILE A 1 76 ? 6.913   4.485   -6.756  1.00 58.47  ? 571 ILE A CD1 1 
ATOM   474 N  N   . ALA A 1 77 ? 2.680   7.401   -8.998  1.00 63.02  ? 572 ALA A N   1 
ATOM   475 C  CA  . ALA A 1 77 ? 2.125   8.623   -9.573  1.00 63.42  ? 572 ALA A CA  1 
ATOM   476 C  C   . ALA A 1 77 ? 0.650   8.778   -9.230  1.00 60.21  ? 572 ALA A C   1 
ATOM   477 O  O   . ALA A 1 77 ? 0.181   9.887   -8.946  1.00 62.66  ? 572 ALA A O   1 
ATOM   478 C  CB  . ALA A 1 77 ? 2.325   8.614   -11.088 1.00 54.79  ? 572 ALA A CB  1 
ATOM   479 N  N   . THR A 1 78 ? -0.098  7.673   -9.265  1.00 58.54  ? 573 THR A N   1 
ATOM   480 C  CA  . THR A 1 78 ? -1.516  7.707   -8.925  1.00 58.44  ? 573 THR A CA  1 
ATOM   481 C  C   . THR A 1 78 ? -1.727  8.150   -7.484  1.00 58.30  ? 573 THR A C   1 
ATOM   482 O  O   . THR A 1 78 ? -2.638  8.937   -7.194  1.00 56.16  ? 573 THR A O   1 
ATOM   483 C  CB  . THR A 1 78 ? -2.125  6.322   -9.150  1.00 61.79  ? 573 THR A CB  1 
ATOM   484 O  OG1 . THR A 1 78 ? -1.883  5.907   -10.502 1.00 64.94  ? 573 THR A OG1 1 
ATOM   485 C  CG2 . THR A 1 78 ? -3.618  6.334   -8.885  1.00 59.46  ? 573 THR A CG2 1 
ATOM   486 N  N   . ILE A 1 79 ? -0.897  7.650   -6.568  1.00 57.87  ? 574 ILE A N   1 
ATOM   487 C  CA  . ILE A 1 79 ? -1.039  8.017   -5.163  1.00 65.79  ? 574 ILE A CA  1 
ATOM   488 C  C   . ILE A 1 79 ? -0.711  9.494   -4.966  1.00 67.66  ? 574 ILE A C   1 
ATOM   489 O  O   . ILE A 1 79 ? -1.449  10.222  -4.289  1.00 69.07  ? 574 ILE A O   1 
ATOM   490 C  CB  . ILE A 1 79 ? -0.172  7.095   -4.279  1.00 58.48  ? 574 ILE A CB  1 
ATOM   491 C  CG1 . ILE A 1 79 ? -0.792  5.692   -4.219  1.00 57.39  ? 574 ILE A CG1 1 
ATOM   492 C  CG2 . ILE A 1 79 ? -0.049  7.649   -2.869  1.00 58.16  ? 574 ILE A CG2 1 
ATOM   493 C  CD1 . ILE A 1 79 ? 0.154   4.596   -3.737  1.00 57.93  ? 574 ILE A CD1 1 
ATOM   494 N  N   . LEU A 1 80 ? 0.367   9.977   -5.593  1.00 70.34  ? 575 LEU A N   1 
ATOM   495 C  CA  . LEU A 1 80 ? 0.768   11.370  -5.399  1.00 66.86  ? 575 LEU A CA  1 
ATOM   496 C  C   . LEU A 1 80 ? -0.303  12.341  -5.887  1.00 64.83  ? 575 LEU A C   1 
ATOM   497 O  O   . LEU A 1 80 ? -0.424  13.447  -5.351  1.00 76.92  ? 575 LEU A O   1 
ATOM   498 C  CB  . LEU A 1 80 ? 2.101   11.637  -6.100  1.00 63.43  ? 575 LEU A CB  1 
ATOM   499 C  CG  . LEU A 1 80 ? 3.402   11.320  -5.351  1.00 64.56  ? 575 LEU A CG  1 
ATOM   500 C  CD1 . LEU A 1 80 ? 3.209   10.264  -4.274  1.00 66.76  ? 575 LEU A CD1 1 
ATOM   501 C  CD2 . LEU A 1 80 ? 4.484   10.887  -6.333  1.00 60.62  ? 575 LEU A CD2 1 
ATOM   502 N  N   . ALA A 1 81 ? -1.099  11.948  -6.878  1.00 66.56  ? 576 ALA A N   1 
ATOM   503 C  CA  . ALA A 1 81 ? -2.211  12.780  -7.335  1.00 68.95  ? 576 ALA A CA  1 
ATOM   504 C  C   . ALA A 1 81 ? -3.407  12.642  -6.399  1.00 75.69  ? 576 ALA A C   1 
ATOM   505 O  O   . ALA A 1 81 ? -3.974  13.637  -5.947  1.00 85.55  ? 576 ALA A O   1 
ATOM   506 C  CB  . ALA A 1 81 ? -2.610  12.411  -8.755  1.00 59.69  ? 576 ALA A CB  1 
ATOM   507 N  N   . ARG B 2 1  ? 1.442   -8.981  -12.451 1.00 58.45  ? 1   ARG B N   1 
ATOM   508 C  CA  . ARG B 2 1  ? 1.000   -8.835  -11.069 1.00 65.90  ? 1   ARG B CA  1 
ATOM   509 C  C   . ARG B 2 1  ? -0.160  -7.846  -10.989 1.00 67.76  ? 1   ARG B C   1 
ATOM   510 O  O   . ARG B 2 1  ? -0.230  -6.912  -11.784 1.00 61.25  ? 1   ARG B O   1 
ATOM   511 C  CB  . ARG B 2 1  ? 2.154   -8.371  -10.178 1.00 71.40  ? 1   ARG B CB  1 
ATOM   512 C  CG  . ARG B 2 1  ? 1.844   -8.454  -8.690  1.00 63.91  ? 1   ARG B CG  1 
ATOM   513 C  CD  . ARG B 2 1  ? 2.631   -7.438  -7.864  1.00 65.99  ? 1   ARG B CD  1 
ATOM   514 N  NE  . ARG B 2 1  ? 2.156   -6.068  -8.044  1.00 66.21  ? 1   ARG B NE  1 
ATOM   515 C  CZ  . ARG B 2 1  ? 2.659   -5.016  -7.412  1.00 59.37  ? 1   ARG B CZ  1 
ATOM   516 N  NH1 . ARG B 2 1  ? 3.635   -5.143  -6.529  1.00 64.20  ? 1   ARG B NH1 1 
ATOM   517 N  NH2 . ARG B 2 1  ? 2.172   -3.806  -7.674  1.00 53.20  ? 1   ARG B NH2 1 
ATOM   518 N  N   . SER B 2 2  ? -1.075  -8.041  -10.041 1.00 61.57  ? 2   SER B N   1 
ATOM   519 C  CA  . SER B 2 2  ? -2.199  -7.126  -9.913  1.00 59.34  ? 2   SER B CA  1 
ATOM   520 C  C   . SER B 2 2  ? -1.815  -5.892  -9.108  1.00 60.90  ? 2   SER B C   1 
ATOM   521 O  O   . SER B 2 2  ? -0.954  -5.942  -8.221  1.00 51.27  ? 2   SER B O   1 
ATOM   522 C  CB  . SER B 2 2  ? -3.399  -7.813  -9.264  1.00 55.28  ? 2   SER B CB  1 
ATOM   523 O  OG  . SER B 2 2  ? -4.222  -8.409  -10.250 1.00 64.89  ? 2   SER B OG  1 
ATOM   524 N  N   . SER B 2 3  ? -2.462  -4.775  -9.437  1.00 49.08  ? 3   SER B N   1 
ATOM   525 C  CA  . SER B 2 3  ? -2.226  -3.538  -8.711  1.00 48.84  ? 3   SER B CA  1 
ATOM   526 C  C   . SER B 2 3  ? -2.544  -3.703  -7.230  1.00 49.20  ? 3   SER B C   1 
ATOM   527 O  O   . SER B 2 3  ? -3.494  -4.396  -6.849  1.00 46.59  ? 3   SER B O   1 
ATOM   528 C  CB  . SER B 2 3  ? -3.079  -2.412  -9.300  1.00 51.20  ? 3   SER B CB  1 
ATOM   529 O  OG  . SER B 2 3  ? -2.894  -1.209  -8.570  1.00 43.78  ? 3   SER B OG  1 
ATOM   530 N  N   . VAL B 2 4  ? -1.725  -3.065  -6.389  1.00 52.20  ? 4   VAL B N   1 
ATOM   531 C  CA  . VAL B 2 4  ? -2.017  -2.972  -4.959  1.00 40.23  ? 4   VAL B CA  1 
ATOM   532 C  C   . VAL B 2 4  ? -3.094  -1.943  -4.662  1.00 39.08  ? 4   VAL B C   1 
ATOM   533 O  O   . VAL B 2 4  ? -3.631  -1.923  -3.545  1.00 38.85  ? 4   VAL B O   1 
ATOM   534 C  CB  . VAL B 2 4  ? -0.733  -2.639  -4.176  1.00 41.96  ? 4   VAL B CB  1 
ATOM   535 C  CG1 . VAL B 2 4  ? 0.254   -3.793  -4.256  1.00 39.63  ? 4   VAL B CG1 1 
ATOM   536 C  CG2 . VAL B 2 4  ? -0.105  -1.362  -4.721  1.00 43.53  ? 4   VAL B CG2 1 
ATOM   537 N  N   . ILE B 2 5  ? -3.426  -1.095  -5.631  1.00 46.30  ? 5   ILE B N   1 
ATOM   538 C  CA  . ILE B 2 5  ? -4.528  -0.151  -5.491  1.00 44.20  ? 5   ILE B CA  1 
ATOM   539 C  C   . ILE B 2 5  ? -5.839  -0.882  -5.753  1.00 43.19  ? 5   ILE B C   1 
ATOM   540 O  O   . ILE B 2 5  ? -6.017  -1.508  -6.805  1.00 44.15  ? 5   ILE B O   1 
ATOM   541 C  CB  . ILE B 2 5  ? -4.348  1.043   -6.443  1.00 47.55  ? 5   ILE B CB  1 
ATOM   542 C  CG1 . ILE B 2 5  ? -3.009  1.740   -6.178  1.00 44.40  ? 5   ILE B CG1 1 
ATOM   543 C  CG2 . ILE B 2 5  ? -5.525  2.028   -6.313  1.00 42.42  ? 5   ILE B CG2 1 
ATOM   544 C  CD1 . ILE B 2 5  ? -2.834  3.045   -6.943  1.00 51.52  ? 5   ILE B CD1 1 
ATOM   545 N  N   . THR B 2 6  ? -6.757  -0.794  -4.791  1.00 47.72  ? 6   THR B N   1 
ATOM   546 C  CA  . THR B 2 6  ? -7.990  -1.570  -4.696  1.00 48.33  ? 6   THR B CA  1 
ATOM   547 C  C   . THR B 2 6  ? -9.140  -0.620  -4.390  1.00 48.11  ? 6   THR B C   1 
ATOM   548 O  O   . THR B 2 6  ? -8.934  0.569   -4.137  1.00 50.21  ? 6   THR B O   1 
ATOM   549 C  CB  . THR B 2 6  ? -7.879  -2.625  -3.590  1.00 47.55  ? 6   THR B CB  1 
ATOM   550 O  OG1 . THR B 2 6  ? -6.519  -3.052  -3.492  1.00 45.64  ? 6   THR B OG1 1 
ATOM   551 C  CG2 . THR B 2 6  ? -8.774  -3.822  -3.876  1.00 60.50  ? 6   THR B CG2 1 
ATOM   552 N  N   . SER B 2 7  ? -10.359 -1.150  -4.363  1.00 46.86  ? 7   SER B N   1 
ATOM   553 C  CA  . SER B 2 7  ? -11.525 -0.301  -4.152  1.00 48.99  ? 7   SER B CA  1 
ATOM   554 C  C   . SER B 2 7  ? -12.601 -1.009  -3.334  1.00 58.37  ? 7   SER B C   1 
ATOM   555 O  O   . SER B 2 7  ? -13.223 -1.967  -3.799  1.00 67.79  ? 7   SER B O   1 
ATOM   556 C  CB  . SER B 2 7  ? -12.087 0.133   -5.499  1.00 52.67  ? 7   SER B CB  1 
ATOM   557 O  OG  . SER B 2 7  ? -12.342 -1.016  -6.291  1.00 68.26  ? 7   SER B OG  1 
HETATM 558 ZN ZN  . ZN  C 3 .  ? -3.945  5.901   6.943   1.00 61.38  ? 601 ZN  A ZN  1 
HETATM 559 ZN ZN  . ZN  D 3 .  ? 2.843   -5.694  3.937   1.00 48.27  ? 602 ZN  A ZN  1 
HETATM 560 ZN ZN  . ZN  E 3 .  ? -7.686  -0.036  11.980  1.00 43.59  ? 603 ZN  A ZN  1 
HETATM 561 O  O   . HOH F 4 .  ? -5.326  -3.582  10.998  1.00 29.93  ? 701 HOH A O   1 
# 
